data_2DR1
#
_entry.id   2DR1
#
_cell.length_a   181.238
_cell.length_b   181.238
_cell.length_c   47.289
_cell.angle_alpha   90.00
_cell.angle_beta   90.00
_cell.angle_gamma   120.00
#
_symmetry.space_group_name_H-M   'P 65'
#
loop_
_entity.id
_entity.type
_entity.pdbx_description
1 polymer '386aa long hypothetical serine aminotransferase'
2 non-polymer 'CHLORIDE ION'
3 non-polymer "PYRIDOXAL-5'-PHOSPHATE"
4 non-polymer 'SODIUM ION'
5 water water
#
_entity_poly.entity_id   1
_entity_poly.type   'polypeptide(L)'
_entity_poly.pdbx_seq_one_letter_code
;MEIMEFEEAFKEVYEMVKPKYKLFTAGPVACFPEVLEIMKVQMFSHRSKEYRKVHMDTVERLREFLEVEKGEVLLVPSSG
TGIMEASIRNGVSKGGKVLVTIIGAFGKRYKEVVESNGRKAVVLEYEPGKAVKPEDLDDALRKNPDVEAVTITYNETSTG
VLNPLPELAKVAKEHDKLVFVDAVSAMGGADIKFDKWGLDVVFSSSQKAFGVPPGLAIGAFSERFLEIAEKMPERGWYFD
IPLYVKYLKEKESTPSTPPMPQVFGINVALRIIEKMGGKEKWLEMYEKRAKMVREGVREIGLDILAEPGHESPTITAVLT
PPGIKGDEVYEAMRKRGFELAKGYGSVKEKTFRIGHMGYMKFEDIQEMLDNLREVINELKKQKGIN
;
_entity_poly.pdbx_strand_id   A,B
#
# COMPACT_ATOMS: atom_id res chain seq x y z
N GLU A 5 8.52 0.75 27.21
CA GLU A 5 7.75 0.02 28.26
C GLU A 5 7.60 -1.46 27.90
N PHE A 6 7.49 -1.74 26.61
CA PHE A 6 7.33 -3.12 26.14
C PHE A 6 8.53 -3.52 25.28
N GLU A 7 9.72 -3.24 25.81
CA GLU A 7 10.98 -3.56 25.15
C GLU A 7 10.97 -4.96 24.54
N GLU A 8 10.45 -5.93 25.29
CA GLU A 8 10.41 -7.31 24.83
C GLU A 8 9.58 -7.51 23.56
N ALA A 9 8.51 -6.74 23.41
CA ALA A 9 7.67 -6.85 22.22
C ALA A 9 8.53 -6.46 21.02
N PHE A 10 9.33 -5.42 21.19
CA PHE A 10 10.22 -4.95 20.14
C PHE A 10 11.35 -5.94 19.88
N LYS A 11 12.01 -6.38 20.95
CA LYS A 11 13.12 -7.32 20.85
C LYS A 11 12.73 -8.65 20.20
N GLU A 12 11.52 -9.09 20.47
CA GLU A 12 11.03 -10.35 19.92
C GLU A 12 10.91 -10.26 18.40
N VAL A 13 10.42 -9.13 17.90
CA VAL A 13 10.27 -8.96 16.47
C VAL A 13 11.64 -8.67 15.86
N TYR A 14 12.47 -7.91 16.57
CA TYR A 14 13.79 -7.57 16.08
C TYR A 14 14.61 -8.82 15.75
N GLU A 15 14.49 -9.84 16.60
CA GLU A 15 15.22 -11.08 16.37
C GLU A 15 14.86 -11.72 15.03
N MET A 16 13.61 -11.54 14.61
CA MET A 16 13.15 -12.10 13.35
C MET A 16 13.53 -11.24 12.14
N VAL A 17 13.60 -9.93 12.33
CA VAL A 17 13.89 -9.04 11.21
C VAL A 17 15.24 -8.31 11.20
N LYS A 18 16.06 -8.55 12.21
CA LYS A 18 17.35 -7.87 12.28
C LYS A 18 18.22 -8.15 11.06
N PRO A 19 19.13 -7.22 10.73
CA PRO A 19 20.02 -7.35 9.58
C PRO A 19 20.86 -8.63 9.71
N LYS A 20 20.86 -9.45 8.66
CA LYS A 20 21.61 -10.69 8.67
C LYS A 20 22.55 -10.82 7.47
N TYR A 21 22.23 -10.13 6.39
CA TYR A 21 23.04 -10.23 5.18
C TYR A 21 23.41 -8.93 4.51
N LYS A 22 24.41 -9.02 3.63
CA LYS A 22 24.84 -7.90 2.80
C LYS A 22 23.87 -8.14 1.65
N LEU A 23 23.06 -7.13 1.34
CA LEU A 23 22.01 -7.25 0.34
C LEU A 23 22.27 -6.90 -1.13
N PHE A 24 22.05 -7.89 -1.99
CA PHE A 24 22.19 -7.76 -3.44
C PHE A 24 20.90 -8.39 -3.99
N THR A 25 19.80 -7.99 -3.38
CA THR A 25 18.48 -8.50 -3.72
C THR A 25 17.81 -7.86 -4.94
N ALA A 26 16.70 -8.47 -5.37
CA ALA A 26 15.98 -7.99 -6.53
C ALA A 26 14.83 -7.04 -6.17
N GLY A 27 14.70 -6.74 -4.88
CA GLY A 27 13.65 -5.85 -4.42
C GLY A 27 12.73 -6.58 -3.45
N PRO A 28 12.57 -6.10 -2.20
CA PRO A 28 13.20 -4.90 -1.64
C PRO A 28 14.71 -4.95 -1.71
N VAL A 29 15.35 -3.82 -1.43
CA VAL A 29 16.80 -3.71 -1.48
C VAL A 29 17.30 -2.96 -0.25
N ALA A 30 18.62 -2.90 -0.09
CA ALA A 30 19.21 -2.18 1.04
C ALA A 30 18.88 -0.70 0.92
N CYS A 31 18.32 -0.14 2.00
CA CYS A 31 17.97 1.28 2.04
C CYS A 31 19.09 2.09 2.67
N PHE A 32 19.25 3.33 2.23
CA PHE A 32 20.30 4.18 2.78
C PHE A 32 19.95 4.47 4.24
N PRO A 33 20.97 4.63 5.09
CA PRO A 33 20.71 4.91 6.51
C PRO A 33 19.84 6.14 6.76
N GLU A 34 19.99 7.16 5.91
CA GLU A 34 19.20 8.39 6.06
C GLU A 34 17.73 8.09 5.80
N VAL A 35 17.46 7.16 4.89
CA VAL A 35 16.09 6.78 4.59
C VAL A 35 15.51 5.98 5.76
N LEU A 36 16.28 5.04 6.27
CA LEU A 36 15.83 4.23 7.38
C LEU A 36 15.52 5.11 8.59
N GLU A 37 16.32 6.14 8.81
CA GLU A 37 16.11 7.03 9.95
C GLU A 37 14.78 7.78 9.88
N ILE A 38 14.40 8.24 8.69
CA ILE A 38 13.15 8.98 8.53
C ILE A 38 11.94 8.05 8.68
N MET A 39 12.16 6.75 8.45
CA MET A 39 11.08 5.76 8.56
C MET A 39 10.53 5.61 9.98
N LYS A 40 11.27 6.05 10.99
CA LYS A 40 10.82 5.91 12.37
C LYS A 40 10.20 7.17 12.96
N VAL A 41 10.08 8.22 12.16
CA VAL A 41 9.49 9.46 12.65
C VAL A 41 8.02 9.22 13.00
N GLN A 42 7.55 9.86 14.06
CA GLN A 42 6.18 9.71 14.52
C GLN A 42 5.21 10.20 13.44
N MET A 43 4.03 9.58 13.38
CA MET A 43 3.03 9.94 12.39
C MET A 43 2.21 11.16 12.79
N PHE A 44 1.38 11.60 11.85
CA PHE A 44 0.46 12.72 12.03
C PHE A 44 -0.52 12.66 10.87
N SER A 45 -1.45 13.61 10.79
CA SER A 45 -2.46 13.57 9.73
C SER A 45 -1.98 13.84 8.31
N HIS A 46 -2.49 13.03 7.37
CA HIS A 46 -2.17 13.19 5.96
C HIS A 46 -3.01 14.31 5.37
N ARG A 47 -3.87 14.91 6.20
CA ARG A 47 -4.72 16.01 5.78
C ARG A 47 -4.18 17.31 6.36
N SER A 48 -3.12 17.18 7.15
CA SER A 48 -2.49 18.35 7.78
C SER A 48 -1.65 19.17 6.81
N LYS A 49 -1.46 20.43 7.15
CA LYS A 49 -0.66 21.33 6.33
C LYS A 49 0.78 20.81 6.30
N GLU A 50 1.22 20.25 7.43
CA GLU A 50 2.57 19.70 7.52
C GLU A 50 2.79 18.58 6.52
N TYR A 51 1.82 17.68 6.39
CA TYR A 51 2.00 16.58 5.44
C TYR A 51 1.84 17.02 3.99
N ARG A 52 0.85 17.87 3.73
CA ARG A 52 0.62 18.34 2.37
C ARG A 52 1.88 18.94 1.77
N LYS A 53 2.66 19.64 2.60
CA LYS A 53 3.89 20.25 2.15
C LYS A 53 4.91 19.19 1.68
N VAL A 54 5.05 18.12 2.46
CA VAL A 54 6.00 17.05 2.11
C VAL A 54 5.52 16.23 0.91
N HIS A 55 4.23 15.95 0.86
CA HIS A 55 3.68 15.18 -0.26
C HIS A 55 3.96 15.91 -1.57
N MET A 56 3.66 17.20 -1.61
CA MET A 56 3.86 17.98 -2.81
C MET A 56 5.34 18.18 -3.19
N ASP A 57 6.19 18.32 -2.18
CA ASP A 57 7.62 18.49 -2.44
C ASP A 57 8.16 17.23 -3.10
N THR A 58 7.65 16.08 -2.65
CA THR A 58 8.08 14.80 -3.19
C THR A 58 7.63 14.67 -4.64
N VAL A 59 6.40 15.09 -4.91
CA VAL A 59 5.87 15.03 -6.27
C VAL A 59 6.65 15.97 -7.19
N GLU A 60 6.98 17.16 -6.69
CA GLU A 60 7.74 18.14 -7.49
C GLU A 60 9.10 17.57 -7.87
N ARG A 61 9.77 16.96 -6.89
CA ARG A 61 11.08 16.36 -7.13
C ARG A 61 11.01 15.23 -8.14
N LEU A 62 9.90 14.48 -8.12
CA LEU A 62 9.72 13.39 -9.07
C LEU A 62 9.40 13.90 -10.47
N ARG A 63 8.63 14.99 -10.56
CA ARG A 63 8.30 15.58 -11.85
C ARG A 63 9.60 16.03 -12.51
N GLU A 64 10.50 16.59 -11.70
CA GLU A 64 11.80 17.06 -12.19
C GLU A 64 12.66 15.86 -12.63
N PHE A 65 12.74 14.86 -11.77
CA PHE A 65 13.53 13.66 -12.04
C PHE A 65 13.05 12.89 -13.29
N LEU A 66 11.73 12.79 -13.45
CA LEU A 66 11.16 12.06 -14.57
C LEU A 66 10.96 12.94 -15.81
N GLU A 67 11.27 14.22 -15.66
CA GLU A 67 11.13 15.20 -16.75
C GLU A 67 9.69 15.24 -17.25
N VAL A 68 8.78 15.49 -16.32
CA VAL A 68 7.35 15.59 -16.59
C VAL A 68 6.89 17.04 -16.43
N GLU A 69 6.34 17.61 -17.50
CA GLU A 69 5.81 18.96 -17.44
C GLU A 69 4.34 18.90 -17.87
N LYS A 70 4.10 18.25 -19.00
CA LYS A 70 2.73 18.14 -19.54
C LYS A 70 1.87 17.08 -18.85
N GLY A 71 2.50 16.05 -18.30
CA GLY A 71 1.74 15.00 -17.63
C GLY A 71 1.58 15.24 -16.14
N GLU A 72 1.10 14.21 -15.44
CA GLU A 72 0.90 14.28 -13.99
C GLU A 72 1.69 13.17 -13.29
N VAL A 73 2.25 13.48 -12.13
CA VAL A 73 2.98 12.50 -11.33
C VAL A 73 2.14 12.28 -10.08
N LEU A 74 1.97 11.01 -9.69
CA LEU A 74 1.18 10.68 -8.51
C LEU A 74 1.90 9.70 -7.59
N LEU A 75 1.58 9.79 -6.30
CA LEU A 75 2.11 8.88 -5.30
C LEU A 75 0.89 8.03 -4.93
N VAL A 76 1.05 6.71 -5.00
CA VAL A 76 -0.06 5.81 -4.71
C VAL A 76 0.22 4.80 -3.61
N PRO A 77 -0.77 4.60 -2.72
CA PRO A 77 -0.62 3.66 -1.62
C PRO A 77 -0.85 2.22 -2.11
N SER A 78 0.20 1.64 -2.69
CA SER A 78 0.14 0.27 -3.20
C SER A 78 1.54 -0.06 -3.67
N SER A 79 1.75 -1.29 -4.14
CA SER A 79 3.05 -1.65 -4.68
C SER A 79 2.94 -1.26 -6.16
N GLY A 80 4.03 -1.35 -6.91
CA GLY A 80 4.01 -0.95 -8.31
C GLY A 80 2.93 -1.59 -9.17
N THR A 81 2.62 -2.86 -8.90
CA THR A 81 1.62 -3.59 -9.67
C THR A 81 0.24 -2.92 -9.56
N GLY A 82 0.05 -2.11 -8.53
CA GLY A 82 -1.21 -1.41 -8.37
C GLY A 82 -1.42 -0.49 -9.56
N ILE A 83 -0.36 0.20 -9.98
CA ILE A 83 -0.50 1.10 -11.11
C ILE A 83 -0.54 0.30 -12.42
N MET A 84 0.02 -0.89 -12.40
CA MET A 84 -0.01 -1.76 -13.58
C MET A 84 -1.51 -2.01 -13.84
N GLU A 85 -2.24 -2.37 -12.78
CA GLU A 85 -3.67 -2.62 -12.89
C GLU A 85 -4.39 -1.33 -13.27
N ALA A 86 -4.02 -0.22 -12.64
CA ALA A 86 -4.64 1.07 -12.91
C ALA A 86 -4.56 1.45 -14.39
N SER A 87 -3.41 1.18 -15.02
CA SER A 87 -3.23 1.52 -16.43
C SER A 87 -4.27 0.87 -17.33
N ILE A 88 -4.70 -0.34 -16.96
CA ILE A 88 -5.66 -1.09 -17.75
C ILE A 88 -7.11 -0.67 -17.47
N ARG A 89 -7.45 -0.48 -16.19
CA ARG A 89 -8.82 -0.08 -15.85
C ARG A 89 -9.12 1.34 -16.31
N ASN A 90 -8.09 2.17 -16.41
CA ASN A 90 -8.25 3.56 -16.81
C ASN A 90 -8.03 3.89 -18.29
N GLY A 91 -7.08 3.20 -18.91
CA GLY A 91 -6.76 3.52 -20.30
C GLY A 91 -7.12 2.60 -21.44
N VAL A 92 -7.75 1.47 -21.15
CA VAL A 92 -8.14 0.53 -22.20
C VAL A 92 -9.62 0.17 -22.08
N SER A 93 -10.35 0.29 -23.19
CA SER A 93 -11.77 0.00 -23.18
C SER A 93 -12.02 -1.45 -22.76
N LYS A 94 -13.19 -1.69 -22.16
CA LYS A 94 -13.54 -3.02 -21.72
C LYS A 94 -13.51 -3.94 -22.94
N GLY A 95 -12.79 -5.05 -22.84
CA GLY A 95 -12.69 -5.97 -23.95
C GLY A 95 -11.70 -5.51 -25.00
N GLY A 96 -11.13 -4.32 -24.80
CA GLY A 96 -10.15 -3.80 -25.73
C GLY A 96 -8.88 -4.62 -25.75
N LYS A 97 -8.10 -4.49 -26.82
CA LYS A 97 -6.86 -5.26 -26.97
C LYS A 97 -5.60 -4.49 -26.60
N VAL A 98 -4.67 -5.19 -25.96
CA VAL A 98 -3.41 -4.63 -25.53
C VAL A 98 -2.28 -5.47 -26.08
N LEU A 99 -1.30 -4.83 -26.72
CA LEU A 99 -0.16 -5.55 -27.25
C LEU A 99 0.84 -5.61 -26.11
N VAL A 100 0.95 -6.77 -25.48
CA VAL A 100 1.86 -6.96 -24.36
C VAL A 100 3.19 -7.55 -24.83
N THR A 101 4.27 -6.82 -24.62
CA THR A 101 5.58 -7.32 -25.01
C THR A 101 6.14 -8.04 -23.79
N ILE A 102 6.60 -9.27 -24.00
CA ILE A 102 7.12 -10.09 -22.92
C ILE A 102 8.53 -10.60 -23.16
N ILE A 103 9.45 -10.23 -22.27
CA ILE A 103 10.82 -10.69 -22.35
C ILE A 103 11.21 -11.33 -21.02
N GLY A 104 10.23 -11.50 -20.15
CA GLY A 104 10.49 -12.10 -18.86
C GLY A 104 9.24 -12.29 -18.01
N ALA A 105 9.45 -12.65 -16.76
CA ALA A 105 8.35 -12.90 -15.82
C ALA A 105 7.37 -11.75 -15.62
N PHE A 106 7.87 -10.52 -15.59
CA PHE A 106 6.99 -9.39 -15.35
C PHE A 106 6.20 -8.95 -16.57
N GLY A 107 6.65 -9.38 -17.74
CA GLY A 107 5.90 -9.07 -18.95
C GLY A 107 4.70 -10.00 -18.86
N LYS A 108 4.94 -11.20 -18.33
CA LYS A 108 3.88 -12.17 -18.17
C LYS A 108 2.86 -11.68 -17.14
N ARG A 109 3.34 -10.99 -16.10
CA ARG A 109 2.42 -10.46 -15.11
C ARG A 109 1.51 -9.40 -15.71
N TYR A 110 2.07 -8.54 -16.57
CA TYR A 110 1.26 -7.50 -17.19
C TYR A 110 0.13 -8.17 -17.99
N LYS A 111 0.47 -9.27 -18.66
CA LYS A 111 -0.52 -10.02 -19.42
C LYS A 111 -1.64 -10.51 -18.52
N GLU A 112 -1.27 -11.03 -17.35
CA GLU A 112 -2.26 -11.52 -16.40
C GLU A 112 -3.13 -10.37 -15.90
N VAL A 113 -2.51 -9.21 -15.69
CA VAL A 113 -3.23 -8.03 -15.23
C VAL A 113 -4.20 -7.56 -16.31
N VAL A 114 -3.77 -7.63 -17.56
CA VAL A 114 -4.63 -7.23 -18.67
C VAL A 114 -5.85 -8.15 -18.75
N GLU A 115 -5.60 -9.46 -18.80
CA GLU A 115 -6.68 -10.42 -18.92
C GLU A 115 -7.62 -10.51 -17.72
N SER A 116 -7.07 -10.49 -16.51
CA SER A 116 -7.91 -10.59 -15.32
C SER A 116 -8.83 -9.38 -15.16
N ASN A 117 -8.49 -8.28 -15.81
CA ASN A 117 -9.30 -7.08 -15.72
C ASN A 117 -10.26 -6.91 -16.90
N GLY A 118 -10.53 -8.00 -17.60
CA GLY A 118 -11.47 -7.94 -18.71
C GLY A 118 -10.99 -7.36 -20.02
N ARG A 119 -9.68 -7.31 -20.23
CA ARG A 119 -9.14 -6.81 -21.48
C ARG A 119 -8.48 -7.96 -22.21
N LYS A 120 -8.18 -7.77 -23.49
CA LYS A 120 -7.55 -8.81 -24.29
C LYS A 120 -6.08 -8.52 -24.52
N ALA A 121 -5.26 -9.55 -24.40
CA ALA A 121 -3.82 -9.40 -24.59
C ALA A 121 -3.30 -10.05 -25.86
N VAL A 122 -2.63 -9.26 -26.69
CA VAL A 122 -2.01 -9.76 -27.91
C VAL A 122 -0.53 -9.76 -27.56
N VAL A 123 0.08 -10.95 -27.55
CA VAL A 123 1.47 -11.09 -27.15
C VAL A 123 2.59 -11.09 -28.18
N LEU A 124 3.69 -10.43 -27.83
CA LEU A 124 4.89 -10.37 -28.64
C LEU A 124 5.94 -10.82 -27.62
N GLU A 125 6.27 -12.10 -27.63
CA GLU A 125 7.20 -12.67 -26.66
C GLU A 125 8.56 -13.10 -27.18
N TYR A 126 9.57 -12.95 -26.34
CA TYR A 126 10.94 -13.33 -26.65
C TYR A 126 11.46 -14.31 -25.62
N GLU A 127 12.56 -14.97 -25.95
CA GLU A 127 13.18 -15.91 -25.02
C GLU A 127 13.87 -15.09 -23.94
N PRO A 128 13.91 -15.59 -22.69
CA PRO A 128 14.56 -14.85 -21.61
C PRO A 128 15.99 -14.46 -22.01
N GLY A 129 16.33 -13.19 -21.78
CA GLY A 129 17.66 -12.73 -22.12
C GLY A 129 17.67 -11.79 -23.32
N LYS A 130 16.63 -11.87 -24.14
CA LYS A 130 16.49 -11.02 -25.32
C LYS A 130 15.69 -9.76 -24.98
N ALA A 131 15.90 -8.71 -25.78
CA ALA A 131 15.18 -7.45 -25.61
C ALA A 131 14.23 -7.29 -26.80
N VAL A 132 13.17 -6.51 -26.61
CA VAL A 132 12.20 -6.28 -27.68
C VAL A 132 12.85 -5.43 -28.78
N LYS A 133 12.64 -5.83 -30.04
CA LYS A 133 13.19 -5.11 -31.17
C LYS A 133 12.16 -4.18 -31.78
N PRO A 134 12.51 -2.90 -31.98
CA PRO A 134 11.59 -1.93 -32.57
C PRO A 134 10.94 -2.44 -33.85
N GLU A 135 11.73 -3.12 -34.68
CA GLU A 135 11.22 -3.66 -35.94
C GLU A 135 10.15 -4.74 -35.74
N ASP A 136 10.29 -5.55 -34.70
CA ASP A 136 9.30 -6.59 -34.43
C ASP A 136 8.02 -5.96 -33.89
N LEU A 137 8.17 -4.89 -33.12
CA LEU A 137 7.02 -4.20 -32.55
C LEU A 137 6.21 -3.59 -33.68
N ASP A 138 6.90 -2.93 -34.61
CA ASP A 138 6.26 -2.32 -35.75
C ASP A 138 5.49 -3.37 -36.54
N ASP A 139 6.11 -4.54 -36.70
CA ASP A 139 5.51 -5.66 -37.41
C ASP A 139 4.25 -6.13 -36.69
N ALA A 140 4.37 -6.33 -35.37
CA ALA A 140 3.24 -6.78 -34.56
C ALA A 140 2.07 -5.81 -34.60
N LEU A 141 2.37 -4.52 -34.51
CA LEU A 141 1.34 -3.49 -34.54
C LEU A 141 0.70 -3.41 -35.92
N ARG A 142 1.46 -3.80 -36.93
CA ARG A 142 0.97 -3.78 -38.30
C ARG A 142 -0.18 -4.77 -38.50
N LYS A 143 -0.02 -5.98 -37.98
CA LYS A 143 -1.05 -6.99 -38.12
C LYS A 143 -2.07 -7.01 -36.98
N ASN A 144 -1.86 -6.14 -36.00
CA ASN A 144 -2.77 -6.01 -34.87
C ASN A 144 -3.10 -4.52 -34.70
N PRO A 145 -3.69 -3.90 -35.73
CA PRO A 145 -4.05 -2.49 -35.74
C PRO A 145 -5.18 -2.06 -34.80
N ASP A 146 -5.91 -3.02 -34.24
CA ASP A 146 -7.01 -2.70 -33.35
C ASP A 146 -6.60 -2.57 -31.88
N VAL A 147 -5.34 -2.82 -31.57
CA VAL A 147 -4.87 -2.70 -30.19
C VAL A 147 -4.92 -1.23 -29.79
N GLU A 148 -5.22 -0.97 -28.53
CA GLU A 148 -5.32 0.39 -28.01
C GLU A 148 -4.03 0.88 -27.34
N ALA A 149 -3.27 -0.04 -26.77
CA ALA A 149 -2.04 0.32 -26.08
C ALA A 149 -0.98 -0.76 -26.20
N VAL A 150 0.26 -0.38 -25.92
CA VAL A 150 1.38 -1.29 -25.96
C VAL A 150 2.07 -1.22 -24.60
N THR A 151 2.39 -2.38 -24.02
CA THR A 151 3.09 -2.38 -22.74
C THR A 151 4.53 -2.78 -22.95
N ILE A 152 5.42 -2.11 -22.22
CA ILE A 152 6.84 -2.38 -22.29
C ILE A 152 7.41 -2.51 -20.89
N THR A 153 8.13 -3.60 -20.65
CA THR A 153 8.76 -3.79 -19.35
C THR A 153 10.12 -3.14 -19.59
N TYR A 154 10.31 -1.94 -19.05
CA TYR A 154 11.57 -1.21 -19.26
C TYR A 154 12.78 -2.03 -18.82
N ASN A 155 12.73 -2.52 -17.59
CA ASN A 155 13.80 -3.34 -17.05
C ASN A 155 13.19 -4.66 -16.58
N GLU A 156 13.49 -5.75 -17.29
CA GLU A 156 12.95 -7.06 -16.92
C GLU A 156 13.83 -7.63 -15.82
N THR A 157 13.32 -7.55 -14.59
CA THR A 157 14.04 -8.01 -13.41
C THR A 157 14.40 -9.49 -13.40
N SER A 158 13.64 -10.31 -14.11
CA SER A 158 13.90 -11.74 -14.14
C SER A 158 15.04 -12.12 -15.07
N THR A 159 15.43 -11.22 -15.96
CA THR A 159 16.50 -11.52 -16.92
C THR A 159 17.64 -10.53 -16.96
N GLY A 160 17.51 -9.43 -16.22
CA GLY A 160 18.57 -8.43 -16.22
C GLY A 160 18.70 -7.74 -17.57
N VAL A 161 17.58 -7.58 -18.26
CA VAL A 161 17.58 -6.92 -19.57
C VAL A 161 16.88 -5.57 -19.51
N LEU A 162 17.49 -4.57 -20.16
CA LEU A 162 16.89 -3.25 -20.22
C LEU A 162 16.42 -3.06 -21.66
N ASN A 163 15.12 -2.87 -21.87
CA ASN A 163 14.58 -2.66 -23.21
C ASN A 163 14.95 -1.27 -23.72
N PRO A 164 15.04 -1.10 -25.05
CA PRO A 164 15.36 0.19 -25.66
C PRO A 164 14.08 1.02 -25.72
N LEU A 165 13.63 1.45 -24.54
CA LEU A 165 12.39 2.21 -24.42
C LEU A 165 12.16 3.37 -25.39
N PRO A 166 13.12 4.30 -25.52
CA PRO A 166 12.90 5.42 -26.43
C PRO A 166 12.49 5.00 -27.84
N GLU A 167 13.24 4.07 -28.43
CA GLU A 167 12.95 3.59 -29.78
C GLU A 167 11.66 2.80 -29.84
N LEU A 168 11.36 2.04 -28.79
CA LEU A 168 10.14 1.26 -28.75
C LEU A 168 8.92 2.17 -28.63
N ALA A 169 9.04 3.20 -27.81
CA ALA A 169 7.95 4.16 -27.61
C ALA A 169 7.66 4.92 -28.91
N LYS A 170 8.72 5.25 -29.65
CA LYS A 170 8.62 5.95 -30.92
C LYS A 170 7.77 5.15 -31.91
N VAL A 171 8.06 3.86 -31.98
CA VAL A 171 7.36 2.97 -32.89
C VAL A 171 5.89 2.88 -32.52
N ALA A 172 5.60 2.76 -31.23
CA ALA A 172 4.22 2.67 -30.76
C ALA A 172 3.44 3.93 -31.13
N LYS A 173 4.08 5.08 -30.96
CA LYS A 173 3.43 6.35 -31.29
C LYS A 173 3.18 6.51 -32.79
N GLU A 174 4.09 5.97 -33.60
CA GLU A 174 3.94 6.05 -35.05
C GLU A 174 2.65 5.34 -35.44
N HIS A 175 2.23 4.40 -34.61
CA HIS A 175 1.01 3.64 -34.83
C HIS A 175 -0.14 4.25 -34.03
N ASP A 176 0.14 5.40 -33.42
CA ASP A 176 -0.84 6.13 -32.62
C ASP A 176 -1.44 5.27 -31.51
N LYS A 177 -0.58 4.58 -30.78
CA LYS A 177 -1.01 3.73 -29.68
C LYS A 177 -0.54 4.30 -28.34
N LEU A 178 -1.25 3.95 -27.27
CA LEU A 178 -0.87 4.39 -25.94
C LEU A 178 0.34 3.56 -25.52
N VAL A 179 1.27 4.18 -24.81
CA VAL A 179 2.47 3.47 -24.37
C VAL A 179 2.49 3.34 -22.85
N PHE A 180 2.39 2.11 -22.36
CA PHE A 180 2.42 1.84 -20.92
C PHE A 180 3.77 1.25 -20.57
N VAL A 181 4.44 1.80 -19.57
CA VAL A 181 5.75 1.31 -19.19
C VAL A 181 5.88 0.85 -17.75
N ASP A 182 6.26 -0.41 -17.59
CA ASP A 182 6.50 -0.98 -16.27
C ASP A 182 7.96 -0.63 -16.00
N ALA A 183 8.19 0.36 -15.14
CA ALA A 183 9.54 0.78 -14.83
C ALA A 183 9.83 0.53 -13.35
N VAL A 184 9.24 -0.54 -12.80
CA VAL A 184 9.44 -0.84 -11.40
C VAL A 184 10.90 -1.03 -11.01
N SER A 185 11.68 -1.73 -11.84
CA SER A 185 13.09 -1.92 -11.52
C SER A 185 13.99 -1.05 -12.41
N ALA A 186 13.39 -0.03 -13.03
CA ALA A 186 14.13 0.87 -13.91
C ALA A 186 14.16 2.30 -13.39
N MET A 187 13.02 2.81 -12.93
CA MET A 187 12.98 4.19 -12.45
C MET A 187 14.02 4.40 -11.34
N GLY A 188 14.84 5.42 -11.50
CA GLY A 188 15.87 5.71 -10.52
C GLY A 188 17.19 5.02 -10.82
N GLY A 189 17.17 4.09 -11.76
CA GLY A 189 18.37 3.36 -12.13
C GLY A 189 18.68 3.51 -13.61
N ALA A 190 17.64 3.71 -14.42
CA ALA A 190 17.79 3.91 -15.85
C ALA A 190 17.03 5.19 -16.15
N ASP A 191 17.51 5.98 -17.10
CA ASP A 191 16.86 7.25 -17.39
C ASP A 191 15.44 7.14 -17.94
N ILE A 192 14.63 8.14 -17.60
CA ILE A 192 13.27 8.24 -18.08
C ILE A 192 12.98 9.72 -18.36
N LYS A 193 12.59 10.00 -19.60
CA LYS A 193 12.23 11.37 -20.00
C LYS A 193 10.79 11.19 -20.47
N PHE A 194 9.87 11.30 -19.52
CA PHE A 194 8.45 11.09 -19.77
C PHE A 194 7.83 11.83 -20.96
N ASP A 195 7.84 13.16 -20.91
CA ASP A 195 7.24 13.94 -21.99
C ASP A 195 7.94 13.71 -23.32
N LYS A 196 9.26 13.87 -23.33
CA LYS A 196 10.06 13.72 -24.53
C LYS A 196 9.91 12.38 -25.27
N TRP A 197 9.83 11.28 -24.53
CA TRP A 197 9.68 9.98 -25.16
C TRP A 197 8.25 9.62 -25.51
N GLY A 198 7.32 10.51 -25.16
CA GLY A 198 5.92 10.28 -25.48
C GLY A 198 5.26 9.15 -24.72
N LEU A 199 5.66 8.95 -23.47
CA LEU A 199 5.09 7.87 -22.67
C LEU A 199 3.71 8.30 -22.15
N ASP A 200 2.78 7.36 -22.03
CA ASP A 200 1.46 7.69 -21.54
C ASP A 200 1.27 7.28 -20.09
N VAL A 201 1.96 6.21 -19.70
CA VAL A 201 1.94 5.74 -18.32
C VAL A 201 3.30 5.11 -18.00
N VAL A 202 3.88 5.51 -16.87
CA VAL A 202 5.11 4.91 -16.42
C VAL A 202 4.91 4.73 -14.93
N PHE A 203 5.30 3.58 -14.40
CA PHE A 203 5.14 3.35 -12.99
C PHE A 203 6.31 2.60 -12.38
N SER A 204 6.51 2.80 -11.09
CA SER A 204 7.57 2.15 -10.38
C SER A 204 7.17 1.99 -8.92
N SER A 205 8.08 1.42 -8.14
CA SER A 205 7.87 1.16 -6.73
C SER A 205 8.98 1.81 -5.92
N SER A 206 8.76 1.92 -4.62
CA SER A 206 9.75 2.55 -3.75
C SER A 206 10.94 1.65 -3.42
N GLN A 207 10.71 0.33 -3.41
CA GLN A 207 11.74 -0.63 -3.01
C GLN A 207 12.75 -1.19 -4.00
N LYS A 208 12.95 -0.51 -5.12
CA LYS A 208 13.93 -0.98 -6.10
C LYS A 208 15.09 0.03 -6.18
N ALA A 209 15.32 0.63 -7.35
CA ALA A 209 16.44 1.56 -7.50
C ALA A 209 16.47 2.74 -6.53
N PHE A 210 15.32 3.16 -6.01
CA PHE A 210 15.28 4.29 -5.08
C PHE A 210 15.76 3.95 -3.66
N GLY A 211 15.87 2.65 -3.36
CA GLY A 211 16.34 2.25 -2.03
C GLY A 211 15.46 2.68 -0.86
N VAL A 212 14.16 2.55 -1.02
CA VAL A 212 13.22 2.91 0.04
C VAL A 212 12.40 1.66 0.37
N PRO A 213 11.92 1.53 1.62
CA PRO A 213 11.14 0.33 1.91
C PRO A 213 9.90 0.23 1.03
N PRO A 214 9.42 -1.00 0.78
CA PRO A 214 8.23 -1.20 -0.06
C PRO A 214 6.98 -0.63 0.61
N GLY A 215 5.99 -0.29 -0.20
CA GLY A 215 4.75 0.24 0.34
C GLY A 215 4.16 1.40 -0.45
N LEU A 216 4.98 1.95 -1.35
CA LEU A 216 4.56 3.09 -2.16
C LEU A 216 4.78 2.85 -3.66
N ALA A 217 3.90 3.40 -4.48
CA ALA A 217 4.01 3.28 -5.94
C ALA A 217 4.09 4.69 -6.51
N ILE A 218 4.83 4.84 -7.60
CA ILE A 218 5.01 6.13 -8.26
C ILE A 218 4.52 6.02 -9.70
N GLY A 219 3.69 6.98 -10.11
CA GLY A 219 3.19 6.95 -11.47
C GLY A 219 3.23 8.31 -12.16
N ALA A 220 3.37 8.27 -13.48
CA ALA A 220 3.39 9.48 -14.29
C ALA A 220 2.41 9.13 -15.41
N PHE A 221 1.53 10.07 -15.75
CA PHE A 221 0.52 9.84 -16.77
C PHE A 221 0.42 11.01 -17.74
N SER A 222 0.18 10.72 -19.01
CA SER A 222 0.09 11.77 -20.02
C SER A 222 -1.30 12.41 -20.08
N GLU A 223 -1.38 13.55 -20.76
CA GLU A 223 -2.65 14.24 -20.91
C GLU A 223 -3.57 13.33 -21.72
N ARG A 224 -3.00 12.65 -22.71
CA ARG A 224 -3.77 11.75 -23.55
C ARG A 224 -4.40 10.63 -22.73
N PHE A 225 -3.61 10.04 -21.85
CA PHE A 225 -4.10 8.96 -20.99
C PHE A 225 -5.21 9.47 -20.07
N LEU A 226 -4.99 10.64 -19.47
CA LEU A 226 -5.97 11.20 -18.54
C LEU A 226 -7.29 11.57 -19.20
N GLU A 227 -7.25 12.00 -20.46
CA GLU A 227 -8.47 12.36 -21.17
C GLU A 227 -9.33 11.11 -21.36
N ILE A 228 -8.66 10.00 -21.65
CA ILE A 228 -9.34 8.72 -21.85
C ILE A 228 -9.86 8.19 -20.52
N ALA A 229 -9.05 8.30 -19.48
CA ALA A 229 -9.40 7.82 -18.15
C ALA A 229 -10.65 8.48 -17.57
N GLU A 230 -10.76 9.80 -17.67
CA GLU A 230 -11.93 10.47 -17.11
C GLU A 230 -13.24 10.06 -17.77
N LYS A 231 -13.15 9.45 -18.95
CA LYS A 231 -14.33 9.01 -19.67
C LYS A 231 -14.48 7.49 -19.65
N MET A 232 -13.58 6.81 -18.93
CA MET A 232 -13.62 5.36 -18.86
C MET A 232 -14.59 4.87 -17.79
N PRO A 233 -15.62 4.12 -18.19
CA PRO A 233 -16.61 3.61 -17.24
C PRO A 233 -16.06 2.51 -16.32
N GLU A 234 -16.65 2.44 -15.13
CA GLU A 234 -16.31 1.49 -14.07
C GLU A 234 -14.83 1.15 -13.88
N ARG A 235 -14.02 2.18 -13.71
CA ARG A 235 -12.59 2.00 -13.50
C ARG A 235 -12.31 1.85 -12.00
N GLY A 236 -13.36 1.89 -11.20
CA GLY A 236 -13.19 1.74 -9.76
C GLY A 236 -12.92 3.03 -9.02
N TRP A 237 -12.44 2.89 -7.79
CA TRP A 237 -12.16 4.01 -6.90
C TRP A 237 -10.69 4.03 -6.46
N TYR A 238 -10.21 2.89 -5.96
CA TYR A 238 -8.85 2.82 -5.45
C TYR A 238 -7.76 3.15 -6.46
N PHE A 239 -8.01 2.84 -7.73
CA PHE A 239 -7.06 3.14 -8.77
C PHE A 239 -7.65 4.07 -9.83
N ASP A 240 -8.58 4.92 -9.40
CA ASP A 240 -9.22 5.90 -10.28
C ASP A 240 -8.19 7.02 -10.44
N ILE A 241 -7.42 7.01 -11.53
CA ILE A 241 -6.39 8.02 -11.72
C ILE A 241 -6.92 9.46 -11.70
N PRO A 242 -8.02 9.74 -12.43
CA PRO A 242 -8.56 11.10 -12.42
C PRO A 242 -8.86 11.56 -10.99
N LEU A 243 -9.34 10.64 -10.16
CA LEU A 243 -9.65 10.96 -8.76
C LEU A 243 -8.37 11.34 -8.02
N TYR A 244 -7.30 10.60 -8.26
CA TYR A 244 -6.03 10.90 -7.61
C TYR A 244 -5.51 12.27 -8.05
N VAL A 245 -5.68 12.60 -9.32
CA VAL A 245 -5.23 13.88 -9.82
C VAL A 245 -6.02 14.99 -9.15
N LYS A 246 -7.32 14.78 -9.00
CA LYS A 246 -8.16 15.76 -8.36
C LYS A 246 -7.79 15.95 -6.90
N TYR A 247 -7.48 14.87 -6.20
CA TYR A 247 -7.09 14.99 -4.81
C TYR A 247 -5.75 15.67 -4.67
N LEU A 248 -4.83 15.38 -5.59
CA LEU A 248 -3.51 16.00 -5.53
C LEU A 248 -3.63 17.51 -5.68
N LYS A 249 -4.45 17.93 -6.65
CA LYS A 249 -4.65 19.34 -6.92
C LYS A 249 -5.40 20.05 -5.78
N GLU A 250 -6.51 19.47 -5.35
CA GLU A 250 -7.33 20.08 -4.31
C GLU A 250 -6.87 19.88 -2.87
N LYS A 251 -6.43 18.67 -2.54
CA LYS A 251 -6.01 18.35 -1.17
C LYS A 251 -4.51 18.12 -0.98
N GLU A 252 -3.74 18.18 -2.06
CA GLU A 252 -2.29 17.98 -1.98
C GLU A 252 -1.97 16.69 -1.24
N SER A 253 -2.76 15.66 -1.51
CA SER A 253 -2.59 14.37 -0.88
C SER A 253 -3.27 13.33 -1.74
N THR A 254 -3.53 12.16 -1.16
CA THR A 254 -4.16 11.06 -1.87
C THR A 254 -5.62 10.91 -1.43
N PRO A 255 -6.43 10.19 -2.21
CA PRO A 255 -7.85 9.95 -1.90
C PRO A 255 -7.99 9.23 -0.56
N SER A 256 -7.18 8.20 -0.36
CA SER A 256 -7.18 7.47 0.91
C SER A 256 -5.87 7.81 1.60
N THR A 257 -5.59 7.18 2.74
CA THR A 257 -4.36 7.49 3.47
C THR A 257 -3.10 6.96 2.78
N PRO A 258 -2.10 7.84 2.54
CA PRO A 258 -0.87 7.44 1.88
C PRO A 258 0.14 6.78 2.83
N PRO A 259 1.09 5.99 2.29
CA PRO A 259 2.10 5.31 3.12
C PRO A 259 3.14 6.36 3.50
N MET A 260 2.78 7.21 4.46
CA MET A 260 3.64 8.31 4.88
C MET A 260 5.13 8.04 5.10
N PRO A 261 5.49 6.96 5.83
CA PRO A 261 6.92 6.74 6.03
C PRO A 261 7.68 6.59 4.71
N GLN A 262 7.09 5.81 3.79
CA GLN A 262 7.69 5.58 2.48
C GLN A 262 7.77 6.87 1.66
N VAL A 263 6.77 7.75 1.83
CA VAL A 263 6.79 9.02 1.12
C VAL A 263 7.97 9.84 1.64
N PHE A 264 8.10 9.90 2.97
CA PHE A 264 9.21 10.63 3.57
C PHE A 264 10.52 10.02 3.06
N GLY A 265 10.55 8.69 2.97
CA GLY A 265 11.73 8.00 2.51
C GLY A 265 12.12 8.33 1.08
N ILE A 266 11.12 8.40 0.19
CA ILE A 266 11.40 8.73 -1.20
C ILE A 266 11.91 10.17 -1.30
N ASN A 267 11.35 11.05 -0.46
CA ASN A 267 11.77 12.45 -0.48
C ASN A 267 13.26 12.51 -0.10
N VAL A 268 13.63 11.78 0.94
CA VAL A 268 15.03 11.73 1.38
C VAL A 268 15.91 11.18 0.25
N ALA A 269 15.44 10.13 -0.41
CA ALA A 269 16.19 9.53 -1.52
C ALA A 269 16.41 10.53 -2.64
N LEU A 270 15.38 11.31 -2.95
CA LEU A 270 15.48 12.31 -4.01
C LEU A 270 16.46 13.42 -3.61
N ARG A 271 16.52 13.73 -2.33
CA ARG A 271 17.44 14.75 -1.85
C ARG A 271 18.87 14.20 -1.91
N ILE A 272 19.01 12.90 -1.71
CA ILE A 272 20.32 12.25 -1.76
C ILE A 272 20.86 12.35 -3.19
N ILE A 273 19.98 12.09 -4.16
CA ILE A 273 20.36 12.17 -5.57
C ILE A 273 20.81 13.60 -5.89
N GLU A 274 20.07 14.57 -5.37
CA GLU A 274 20.39 15.98 -5.58
C GLU A 274 21.75 16.33 -4.99
N LYS A 275 21.99 15.85 -3.77
CA LYS A 275 23.25 16.10 -3.08
C LYS A 275 24.45 15.58 -3.86
N MET A 276 24.31 14.39 -4.45
CA MET A 276 25.42 13.81 -5.18
C MET A 276 25.67 14.44 -6.55
N GLY A 277 24.84 15.41 -6.94
CA GLY A 277 25.06 16.06 -8.21
C GLY A 277 23.93 16.00 -9.22
N GLY A 278 22.86 15.29 -8.89
CA GLY A 278 21.74 15.21 -9.82
C GLY A 278 21.55 13.86 -10.50
N LYS A 279 20.50 13.76 -11.31
CA LYS A 279 20.16 12.52 -12.00
C LYS A 279 21.26 11.90 -12.85
N GLU A 280 21.93 12.70 -13.68
CA GLU A 280 22.98 12.18 -14.54
C GLU A 280 24.07 11.44 -13.76
N LYS A 281 24.58 12.08 -12.71
CA LYS A 281 25.63 11.47 -11.90
C LYS A 281 25.13 10.24 -11.16
N TRP A 282 23.84 10.26 -10.79
CA TRP A 282 23.24 9.13 -10.08
C TRP A 282 23.13 7.93 -11.02
N LEU A 283 22.71 8.18 -12.26
CA LEU A 283 22.58 7.10 -13.23
C LEU A 283 23.97 6.58 -13.58
N GLU A 284 24.95 7.47 -13.58
CA GLU A 284 26.33 7.11 -13.88
C GLU A 284 26.81 6.13 -12.81
N MET A 285 26.45 6.40 -11.56
CA MET A 285 26.82 5.54 -10.44
C MET A 285 26.22 4.16 -10.65
N TYR A 286 24.96 4.12 -11.04
CA TYR A 286 24.29 2.84 -11.28
C TYR A 286 24.98 2.05 -12.40
N GLU A 287 25.34 2.75 -13.47
CA GLU A 287 26.01 2.06 -14.58
C GLU A 287 27.37 1.51 -14.16
N LYS A 288 28.06 2.23 -13.28
CA LYS A 288 29.37 1.79 -12.81
C LYS A 288 29.25 0.54 -11.94
N ARG A 289 28.19 0.45 -11.15
CA ARG A 289 27.96 -0.72 -10.30
C ARG A 289 27.69 -1.93 -11.18
N ALA A 290 26.82 -1.72 -12.16
CA ALA A 290 26.41 -2.79 -13.08
C ALA A 290 27.60 -3.35 -13.84
N LYS A 291 28.41 -2.42 -14.35
CA LYS A 291 29.65 -2.75 -15.05
C LYS A 291 30.57 -3.61 -14.19
N MET A 292 30.79 -3.11 -12.94
CA MET A 292 31.64 -3.84 -12.00
C MET A 292 31.12 -5.26 -11.75
N VAL A 293 29.81 -5.41 -11.63
CA VAL A 293 29.23 -6.73 -11.39
C VAL A 293 29.36 -7.63 -12.62
N ARG A 294 29.07 -7.09 -13.80
CA ARG A 294 29.18 -7.86 -15.02
C ARG A 294 30.62 -8.30 -15.26
N GLU A 295 31.55 -7.36 -15.16
CA GLU A 295 32.95 -7.68 -15.36
C GLU A 295 33.41 -8.69 -14.32
N GLY A 296 32.92 -8.51 -13.09
CA GLY A 296 33.28 -9.42 -12.01
C GLY A 296 32.86 -10.86 -12.24
N VAL A 297 31.62 -11.07 -12.70
CA VAL A 297 31.14 -12.42 -12.94
C VAL A 297 31.83 -13.01 -14.15
N ARG A 298 32.19 -12.14 -15.09
CA ARG A 298 32.89 -12.57 -16.29
C ARG A 298 34.25 -13.14 -15.89
N GLU A 299 34.92 -12.47 -14.95
CA GLU A 299 36.23 -12.90 -14.48
C GLU A 299 36.16 -14.30 -13.88
N ILE A 300 35.05 -14.58 -13.20
CA ILE A 300 34.83 -15.88 -12.56
C ILE A 300 34.58 -16.95 -13.62
N GLY A 301 34.33 -16.51 -14.86
CA GLY A 301 34.08 -17.45 -15.94
C GLY A 301 32.62 -17.79 -16.11
N LEU A 302 31.74 -16.91 -15.64
CA LEU A 302 30.31 -17.13 -15.76
C LEU A 302 29.71 -16.22 -16.83
N ASP A 303 28.69 -16.72 -17.52
CA ASP A 303 28.00 -15.93 -18.54
C ASP A 303 26.76 -15.29 -17.92
N ILE A 304 26.26 -14.23 -18.55
CA ILE A 304 25.05 -13.59 -18.07
C ILE A 304 23.98 -13.82 -19.12
N LEU A 305 22.72 -13.69 -18.71
CA LEU A 305 21.60 -13.94 -19.60
C LEU A 305 21.35 -12.85 -20.65
N ALA A 306 21.43 -11.59 -20.24
CA ALA A 306 21.17 -10.47 -21.13
C ALA A 306 22.05 -10.43 -22.37
N GLU A 307 21.43 -10.19 -23.53
CA GLU A 307 22.17 -10.11 -24.78
C GLU A 307 22.99 -8.82 -24.74
N PRO A 308 24.20 -8.83 -25.30
CA PRO A 308 25.06 -7.64 -25.32
C PRO A 308 24.39 -6.36 -25.81
N GLY A 309 24.65 -5.27 -25.09
CA GLY A 309 24.09 -3.98 -25.45
C GLY A 309 22.80 -3.64 -24.73
N HIS A 310 22.16 -4.64 -24.13
CA HIS A 310 20.90 -4.41 -23.42
C HIS A 310 20.96 -4.85 -21.96
N GLU A 311 22.13 -4.76 -21.36
CA GLU A 311 22.31 -5.16 -19.96
C GLU A 311 21.69 -4.17 -18.98
N SER A 312 20.99 -4.71 -17.99
CA SER A 312 20.33 -3.90 -16.97
C SER A 312 21.30 -3.24 -16.00
N PRO A 313 21.06 -1.96 -15.67
CA PRO A 313 21.95 -1.26 -14.74
C PRO A 313 21.52 -1.54 -13.29
N THR A 314 20.39 -2.22 -13.12
CA THR A 314 19.88 -2.51 -11.77
C THR A 314 20.01 -3.95 -11.30
N ILE A 315 20.07 -4.91 -12.22
CA ILE A 315 20.21 -6.30 -11.82
C ILE A 315 20.82 -7.15 -12.93
N THR A 316 21.54 -8.19 -12.54
CA THR A 316 22.19 -9.09 -13.49
C THR A 316 21.76 -10.53 -13.24
N ALA A 317 21.33 -11.22 -14.31
CA ALA A 317 20.94 -12.61 -14.19
C ALA A 317 22.14 -13.42 -14.65
N VAL A 318 22.73 -14.18 -13.73
CA VAL A 318 23.91 -14.99 -14.03
C VAL A 318 23.56 -16.46 -14.27
N LEU A 319 24.08 -17.01 -15.36
CA LEU A 319 23.83 -18.40 -15.69
C LEU A 319 24.78 -19.27 -14.87
N THR A 320 24.24 -20.27 -14.19
CA THR A 320 25.07 -21.15 -13.37
C THR A 320 25.80 -22.16 -14.25
N PRO A 321 26.95 -22.64 -13.79
CA PRO A 321 27.71 -23.62 -14.57
C PRO A 321 26.85 -24.87 -14.72
N PRO A 322 27.12 -25.69 -15.76
CA PRO A 322 26.33 -26.91 -15.95
C PRO A 322 26.41 -27.80 -14.71
N GLY A 323 25.25 -28.31 -14.26
CA GLY A 323 25.23 -29.18 -13.10
C GLY A 323 24.96 -28.48 -11.78
N ILE A 324 24.91 -27.15 -11.80
CA ILE A 324 24.66 -26.37 -10.59
C ILE A 324 23.36 -25.57 -10.76
N LYS A 325 22.52 -25.57 -9.73
CA LYS A 325 21.26 -24.85 -9.78
C LYS A 325 21.36 -23.48 -9.12
N GLY A 326 20.55 -22.54 -9.59
CA GLY A 326 20.58 -21.20 -9.04
C GLY A 326 20.40 -21.20 -7.53
N ASP A 327 19.45 -21.99 -7.06
CA ASP A 327 19.15 -22.09 -5.63
C ASP A 327 20.37 -22.49 -4.81
N GLU A 328 21.25 -23.31 -5.39
CA GLU A 328 22.44 -23.76 -4.67
C GLU A 328 23.40 -22.62 -4.41
N VAL A 329 23.52 -21.72 -5.39
CA VAL A 329 24.40 -20.57 -5.24
C VAL A 329 23.78 -19.62 -4.22
N TYR A 330 22.48 -19.38 -4.35
CA TYR A 330 21.76 -18.52 -3.43
C TYR A 330 21.97 -18.95 -1.98
N GLU A 331 21.73 -20.23 -1.71
CA GLU A 331 21.88 -20.76 -0.36
C GLU A 331 23.32 -20.74 0.15
N ALA A 332 24.27 -20.99 -0.75
CA ALA A 332 25.68 -21.01 -0.37
C ALA A 332 26.21 -19.63 -0.02
N MET A 333 25.77 -18.62 -0.78
CA MET A 333 26.20 -17.26 -0.53
C MET A 333 25.59 -16.74 0.78
N ARG A 334 24.37 -17.17 1.07
CA ARG A 334 23.68 -16.76 2.30
C ARG A 334 24.48 -17.23 3.53
N LYS A 335 24.99 -18.45 3.45
CA LYS A 335 25.76 -19.01 4.55
C LYS A 335 27.05 -18.22 4.76
N ARG A 336 27.46 -17.48 3.74
CA ARG A 336 28.66 -16.66 3.82
C ARG A 336 28.31 -15.22 4.17
N GLY A 337 27.02 -14.96 4.38
CA GLY A 337 26.59 -13.63 4.76
C GLY A 337 26.11 -12.74 3.63
N PHE A 338 25.90 -13.33 2.45
CA PHE A 338 25.45 -12.56 1.30
C PHE A 338 24.11 -13.05 0.75
N GLU A 339 23.17 -12.12 0.65
CA GLU A 339 21.84 -12.42 0.13
C GLU A 339 21.74 -11.91 -1.29
N LEU A 340 21.76 -12.84 -2.25
CA LEU A 340 21.60 -12.46 -3.66
C LEU A 340 20.13 -12.71 -3.93
N ALA A 341 19.79 -13.10 -5.15
CA ALA A 341 18.40 -13.38 -5.49
C ALA A 341 18.32 -14.67 -6.28
N LYS A 342 17.30 -15.48 -6.00
CA LYS A 342 17.14 -16.71 -6.73
C LYS A 342 16.77 -16.38 -8.17
N GLY A 343 16.94 -17.35 -9.07
CA GLY A 343 16.57 -17.14 -10.44
C GLY A 343 15.06 -16.96 -10.40
N TYR A 344 14.48 -16.36 -11.42
CA TYR A 344 13.03 -16.10 -11.44
C TYR A 344 12.41 -16.48 -12.78
N GLY A 345 11.19 -17.00 -12.74
CA GLY A 345 10.52 -17.38 -13.97
C GLY A 345 11.00 -18.69 -14.55
N SER A 346 10.95 -18.80 -15.88
CA SER A 346 11.37 -20.00 -16.57
C SER A 346 12.86 -20.34 -16.45
N VAL A 347 13.66 -19.38 -16.00
CA VAL A 347 15.09 -19.60 -15.85
C VAL A 347 15.50 -19.71 -14.38
N LYS A 348 14.52 -19.96 -13.51
CA LYS A 348 14.76 -20.08 -12.07
C LYS A 348 15.80 -21.13 -11.69
N GLU A 349 15.97 -22.16 -12.51
CA GLU A 349 16.93 -23.20 -12.19
C GLU A 349 18.30 -23.00 -12.82
N LYS A 350 18.34 -22.40 -14.00
CA LYS A 350 19.61 -22.19 -14.69
C LYS A 350 20.28 -20.86 -14.36
N THR A 351 19.67 -20.05 -13.51
CA THR A 351 20.26 -18.76 -13.17
C THR A 351 20.00 -18.35 -11.73
N PHE A 352 20.80 -17.40 -11.27
CA PHE A 352 20.63 -16.78 -9.97
C PHE A 352 20.82 -15.32 -10.35
N ARG A 353 20.44 -14.40 -9.48
CA ARG A 353 20.57 -12.99 -9.83
C ARG A 353 21.33 -12.17 -8.80
N ILE A 354 21.98 -11.13 -9.27
CA ILE A 354 22.73 -10.24 -8.41
C ILE A 354 22.17 -8.84 -8.63
N GLY A 355 21.51 -8.30 -7.61
CA GLY A 355 20.98 -6.96 -7.75
C GLY A 355 22.04 -5.95 -7.37
N HIS A 356 21.98 -4.76 -7.97
CA HIS A 356 22.92 -3.70 -7.62
C HIS A 356 22.14 -2.41 -7.39
N MET A 357 21.12 -2.51 -6.55
CA MET A 357 20.25 -1.37 -6.24
C MET A 357 20.34 -0.92 -4.78
N GLY A 358 19.93 0.32 -4.53
CA GLY A 358 19.93 0.86 -3.19
C GLY A 358 21.29 1.18 -2.58
N TYR A 359 21.37 1.02 -1.27
CA TYR A 359 22.61 1.27 -0.53
C TYR A 359 23.58 0.13 -0.80
N MET A 360 24.65 0.45 -1.50
CA MET A 360 25.63 -0.56 -1.86
C MET A 360 26.97 0.10 -2.16
N LYS A 361 27.99 -0.25 -1.39
CA LYS A 361 29.32 0.30 -1.59
C LYS A 361 30.11 -0.57 -2.56
N PHE A 362 30.91 0.07 -3.41
CA PHE A 362 31.71 -0.67 -4.38
C PHE A 362 32.53 -1.75 -3.70
N GLU A 363 33.02 -1.46 -2.49
CA GLU A 363 33.83 -2.43 -1.75
C GLU A 363 33.03 -3.66 -1.35
N ASP A 364 31.74 -3.48 -1.07
CA ASP A 364 30.88 -4.59 -0.70
C ASP A 364 30.65 -5.48 -1.90
N ILE A 365 30.54 -4.87 -3.07
CA ILE A 365 30.34 -5.62 -4.31
C ILE A 365 31.57 -6.48 -4.56
N GLN A 366 32.75 -5.87 -4.41
CA GLN A 366 33.99 -6.58 -4.63
C GLN A 366 34.08 -7.78 -3.70
N GLU A 367 33.74 -7.57 -2.43
CA GLU A 367 33.78 -8.64 -1.44
C GLU A 367 32.79 -9.74 -1.80
N MET A 368 31.62 -9.35 -2.28
CA MET A 368 30.59 -10.31 -2.66
C MET A 368 31.10 -11.17 -3.81
N LEU A 369 31.74 -10.54 -4.78
CA LEU A 369 32.28 -11.24 -5.93
C LEU A 369 33.37 -12.25 -5.57
N ASP A 370 34.21 -11.90 -4.60
CA ASP A 370 35.28 -12.81 -4.18
C ASP A 370 34.69 -14.03 -3.49
N ASN A 371 33.60 -13.83 -2.75
CA ASN A 371 32.95 -14.93 -2.07
C ASN A 371 32.23 -15.81 -3.09
N LEU A 372 31.67 -15.18 -4.12
CA LEU A 372 30.96 -15.92 -5.16
C LEU A 372 31.91 -16.84 -5.91
N ARG A 373 33.13 -16.36 -6.16
CA ARG A 373 34.13 -17.16 -6.87
C ARG A 373 34.38 -18.45 -6.08
N GLU A 374 34.57 -18.32 -4.77
CA GLU A 374 34.82 -19.47 -3.91
C GLU A 374 33.60 -20.40 -3.88
N VAL A 375 32.41 -19.81 -3.86
CA VAL A 375 31.19 -20.61 -3.83
C VAL A 375 31.09 -21.43 -5.11
N ILE A 376 31.41 -20.81 -6.24
CA ILE A 376 31.36 -21.49 -7.53
C ILE A 376 32.39 -22.62 -7.58
N ASN A 377 33.64 -22.29 -7.23
CA ASN A 377 34.70 -23.30 -7.26
C ASN A 377 34.35 -24.48 -6.36
N GLU A 378 33.83 -24.19 -5.16
CA GLU A 378 33.48 -25.24 -4.23
C GLU A 378 32.33 -26.12 -4.70
N LEU A 379 31.34 -25.53 -5.36
CA LEU A 379 30.21 -26.30 -5.86
C LEU A 379 30.67 -27.21 -6.99
N LYS A 380 31.59 -26.73 -7.81
CA LYS A 380 32.12 -27.52 -8.92
C LYS A 380 32.89 -28.73 -8.41
N LYS A 381 33.77 -28.51 -7.45
CA LYS A 381 34.56 -29.59 -6.85
C LYS A 381 33.63 -30.57 -6.16
N GLN A 382 32.64 -30.01 -5.46
CA GLN A 382 31.61 -30.77 -4.75
C GLN A 382 30.94 -31.80 -5.66
N LYS A 383 30.66 -31.37 -6.88
CA LYS A 383 29.98 -32.22 -7.85
C LYS A 383 30.96 -32.91 -8.80
N GLY A 384 32.24 -32.58 -8.67
CA GLY A 384 33.25 -33.19 -9.51
C GLY A 384 33.32 -32.66 -10.92
N ILE A 385 33.08 -31.35 -11.08
CA ILE A 385 33.13 -30.75 -12.41
C ILE A 385 34.14 -29.61 -12.46
N GLU B 12 16.85 17.87 6.85
CA GLU B 12 16.05 18.61 5.83
C GLU B 12 14.60 18.15 5.82
N VAL B 13 14.40 16.84 5.71
CA VAL B 13 13.06 16.27 5.70
C VAL B 13 12.58 16.13 7.14
N TYR B 14 13.51 15.88 8.06
CA TYR B 14 13.14 15.73 9.46
C TYR B 14 12.46 16.99 9.97
N GLU B 15 12.91 18.15 9.49
CA GLU B 15 12.34 19.41 9.89
C GLU B 15 10.86 19.53 9.53
N MET B 16 10.50 19.02 8.36
CA MET B 16 9.10 19.06 7.90
C MET B 16 8.24 18.01 8.59
N VAL B 17 8.86 16.92 9.02
CA VAL B 17 8.11 15.84 9.64
C VAL B 17 8.32 15.60 11.14
N LYS B 18 9.28 16.30 11.74
CA LYS B 18 9.56 16.13 13.16
C LYS B 18 8.32 16.31 14.04
N PRO B 19 8.30 15.67 15.21
CA PRO B 19 7.17 15.74 16.15
C PRO B 19 6.98 17.16 16.66
N LYS B 20 5.73 17.64 16.64
CA LYS B 20 5.45 18.98 17.12
C LYS B 20 4.08 19.11 17.78
N TYR B 21 3.37 17.98 17.90
CA TYR B 21 2.05 17.99 18.52
C TYR B 21 1.75 16.72 19.31
N LYS B 22 0.95 16.86 20.36
CA LYS B 22 0.51 15.71 21.16
C LYS B 22 -0.66 15.24 20.28
N LEU B 23 -0.63 13.99 19.88
CA LEU B 23 -1.63 13.46 18.97
C LEU B 23 -2.93 12.82 19.47
N PHE B 24 -4.05 13.38 19.02
CA PHE B 24 -5.39 12.87 19.32
C PHE B 24 -6.11 12.90 17.98
N THR B 25 -5.42 12.38 16.97
CA THR B 25 -5.89 12.36 15.59
C THR B 25 -6.89 11.26 15.23
N ALA B 26 -7.47 11.38 14.04
CA ALA B 26 -8.45 10.43 13.55
C ALA B 26 -7.81 9.36 12.66
N GLY B 27 -6.49 9.40 12.54
CA GLY B 27 -5.79 8.43 11.71
C GLY B 27 -5.05 9.11 10.57
N PRO B 28 -3.72 8.94 10.47
CA PRO B 28 -2.85 8.16 11.36
C PRO B 28 -2.92 8.64 12.80
N VAL B 29 -2.35 7.85 13.70
CA VAL B 29 -2.37 8.17 15.11
C VAL B 29 -0.96 8.03 15.68
N ALA B 30 -0.81 8.38 16.95
CA ALA B 30 0.49 8.27 17.60
C ALA B 30 0.85 6.79 17.76
N CYS B 31 2.03 6.41 17.28
CA CYS B 31 2.49 5.03 17.37
C CYS B 31 3.34 4.81 18.61
N PHE B 32 3.30 3.61 19.16
CA PHE B 32 4.11 3.27 20.34
C PHE B 32 5.57 3.37 19.94
N PRO B 33 6.46 3.64 20.92
CA PRO B 33 7.90 3.76 20.66
C PRO B 33 8.46 2.48 20.04
N GLU B 34 7.94 1.35 20.52
CA GLU B 34 8.36 0.03 20.07
C GLU B 34 8.07 -0.14 18.57
N VAL B 35 6.91 0.35 18.15
CA VAL B 35 6.50 0.25 16.74
C VAL B 35 7.37 1.15 15.87
N LEU B 36 7.60 2.37 16.31
CA LEU B 36 8.42 3.29 15.53
C LEU B 36 9.84 2.77 15.36
N GLU B 37 10.37 2.12 16.40
CA GLU B 37 11.72 1.60 16.33
C GLU B 37 11.86 0.46 15.32
N ILE B 38 10.86 -0.40 15.23
CA ILE B 38 10.93 -1.52 14.29
C ILE B 38 10.72 -1.04 12.85
N MET B 39 10.13 0.14 12.70
CA MET B 39 9.88 0.73 11.39
C MET B 39 11.16 1.08 10.63
N LYS B 40 12.26 1.25 11.35
CA LYS B 40 13.50 1.61 10.68
C LYS B 40 14.49 0.48 10.45
N VAL B 41 14.08 -0.77 10.67
CA VAL B 41 14.99 -1.88 10.45
C VAL B 41 15.24 -2.02 8.94
N GLN B 42 16.43 -2.46 8.58
CA GLN B 42 16.80 -2.62 7.17
C GLN B 42 15.90 -3.65 6.49
N MET B 43 15.65 -3.44 5.20
CA MET B 43 14.80 -4.35 4.45
C MET B 43 15.54 -5.59 3.98
N PHE B 44 14.77 -6.50 3.37
CA PHE B 44 15.28 -7.74 2.81
C PHE B 44 14.17 -8.30 1.93
N SER B 45 14.39 -9.44 1.31
CA SER B 45 13.40 -10.03 0.40
C SER B 45 12.11 -10.54 1.05
N HIS B 46 10.98 -10.22 0.42
CA HIS B 46 9.69 -10.69 0.90
C HIS B 46 9.49 -12.14 0.44
N ARG B 47 10.50 -12.68 -0.25
CA ARG B 47 10.43 -14.06 -0.73
C ARG B 47 11.40 -14.92 0.09
N SER B 48 12.07 -14.30 1.06
CA SER B 48 13.02 -15.01 1.89
C SER B 48 12.36 -15.80 3.03
N LYS B 49 13.08 -16.79 3.54
CA LYS B 49 12.56 -17.60 4.63
C LYS B 49 12.34 -16.70 5.85
N GLU B 50 13.21 -15.73 6.03
CA GLU B 50 13.10 -14.81 7.16
C GLU B 50 11.81 -14.00 7.11
N TYR B 51 11.46 -13.49 5.94
CA TYR B 51 10.23 -12.71 5.88
C TYR B 51 8.98 -13.58 5.99
N ARG B 52 8.99 -14.74 5.34
CA ARG B 52 7.84 -15.65 5.38
C ARG B 52 7.47 -16.01 6.81
N LYS B 53 8.49 -16.12 7.67
CA LYS B 53 8.27 -16.45 9.07
C LYS B 53 7.50 -15.32 9.77
N VAL B 54 7.94 -14.08 9.55
CA VAL B 54 7.30 -12.94 10.18
C VAL B 54 5.92 -12.67 9.58
N HIS B 55 5.77 -12.85 8.28
CA HIS B 55 4.48 -12.62 7.64
C HIS B 55 3.43 -13.57 8.22
N MET B 56 3.78 -14.84 8.36
CA MET B 56 2.84 -15.82 8.89
C MET B 56 2.56 -15.62 10.37
N ASP B 57 3.57 -15.24 11.14
CA ASP B 57 3.37 -15.01 12.57
C ASP B 57 2.37 -13.88 12.76
N THR B 58 2.48 -12.84 11.93
CA THR B 58 1.57 -11.71 12.03
C THR B 58 0.15 -12.15 11.67
N VAL B 59 0.01 -12.90 10.58
CA VAL B 59 -1.30 -13.39 10.16
C VAL B 59 -1.90 -14.28 11.24
N GLU B 60 -1.07 -15.13 11.83
CA GLU B 60 -1.56 -16.02 12.88
C GLU B 60 -2.05 -15.26 14.12
N ARG B 61 -1.33 -14.22 14.51
CA ARG B 61 -1.72 -13.42 15.67
C ARG B 61 -3.03 -12.68 15.36
N LEU B 62 -3.24 -12.33 14.10
CA LEU B 62 -4.47 -11.65 13.70
C LEU B 62 -5.66 -12.62 13.67
N ARG B 63 -5.41 -13.85 13.24
CA ARG B 63 -6.49 -14.84 13.20
C ARG B 63 -6.97 -15.07 14.63
N GLU B 64 -6.03 -15.05 15.57
CA GLU B 64 -6.33 -15.24 16.98
C GLU B 64 -7.12 -14.04 17.52
N PHE B 65 -6.62 -12.84 17.24
CA PHE B 65 -7.26 -11.61 17.69
C PHE B 65 -8.68 -11.44 17.14
N LEU B 66 -8.85 -11.75 15.87
CA LEU B 66 -10.14 -11.59 15.20
C LEU B 66 -11.04 -12.81 15.35
N GLU B 67 -10.52 -13.83 16.02
CA GLU B 67 -11.26 -15.07 16.23
C GLU B 67 -11.73 -15.66 14.91
N VAL B 68 -10.76 -15.85 14.02
CA VAL B 68 -10.98 -16.42 12.71
C VAL B 68 -10.39 -17.83 12.67
N GLU B 69 -11.23 -18.83 12.40
CA GLU B 69 -10.74 -20.20 12.31
C GLU B 69 -11.10 -20.74 10.94
N LYS B 70 -12.38 -20.63 10.58
CA LYS B 70 -12.88 -21.10 9.30
C LYS B 70 -12.58 -20.20 8.11
N GLY B 71 -12.44 -18.89 8.37
CA GLY B 71 -12.15 -17.98 7.28
C GLY B 71 -10.66 -17.79 7.04
N GLU B 72 -10.32 -16.75 6.27
CA GLU B 72 -8.93 -16.46 5.97
C GLU B 72 -8.61 -15.02 6.34
N VAL B 73 -7.39 -14.80 6.83
CA VAL B 73 -6.93 -13.46 7.18
C VAL B 73 -5.79 -13.16 6.23
N LEU B 74 -5.78 -11.94 5.68
CA LEU B 74 -4.76 -11.53 4.75
C LEU B 74 -4.20 -10.15 5.06
N LEU B 75 -2.95 -9.92 4.68
CA LEU B 75 -2.30 -8.63 4.82
C LEU B 75 -2.20 -8.15 3.37
N VAL B 76 -2.62 -6.92 3.12
CA VAL B 76 -2.63 -6.38 1.76
C VAL B 76 -1.87 -5.07 1.62
N PRO B 77 -1.08 -4.93 0.54
CA PRO B 77 -0.31 -3.72 0.31
C PRO B 77 -1.21 -2.60 -0.23
N SER B 78 -1.91 -1.94 0.68
CA SER B 78 -2.81 -0.85 0.32
C SER B 78 -3.38 -0.28 1.61
N SER B 79 -4.15 0.79 1.49
CA SER B 79 -4.80 1.36 2.67
C SER B 79 -6.07 0.54 2.80
N GLY B 80 -6.81 0.73 3.89
CA GLY B 80 -8.03 -0.03 4.10
C GLY B 80 -9.05 0.02 2.97
N THR B 81 -9.14 1.17 2.30
CA THR B 81 -10.10 1.31 1.21
C THR B 81 -9.82 0.31 0.10
N GLY B 82 -8.58 -0.16 0.02
CA GLY B 82 -8.25 -1.14 -1.01
C GLY B 82 -9.09 -2.39 -0.87
N ILE B 83 -9.28 -2.84 0.37
CA ILE B 83 -10.08 -4.04 0.60
C ILE B 83 -11.56 -3.69 0.46
N MET B 84 -11.89 -2.42 0.67
CA MET B 84 -13.28 -1.99 0.50
C MET B 84 -13.58 -2.28 -0.99
N GLU B 85 -12.64 -1.91 -1.87
CA GLU B 85 -12.82 -2.16 -3.30
C GLU B 85 -12.81 -3.66 -3.61
N ALA B 86 -11.91 -4.39 -2.96
CA ALA B 86 -11.81 -5.84 -3.17
C ALA B 86 -13.13 -6.55 -2.86
N SER B 87 -13.80 -6.15 -1.78
CA SER B 87 -15.05 -6.80 -1.40
C SER B 87 -16.06 -6.75 -2.53
N ILE B 88 -16.12 -5.62 -3.22
CA ILE B 88 -17.06 -5.45 -4.32
C ILE B 88 -16.67 -6.20 -5.59
N ARG B 89 -15.41 -6.11 -5.99
CA ARG B 89 -14.97 -6.79 -7.21
C ARG B 89 -15.02 -8.30 -7.09
N ASN B 90 -14.84 -8.80 -5.88
CA ASN B 90 -14.81 -10.24 -5.61
C ASN B 90 -16.14 -10.86 -5.17
N GLY B 91 -16.94 -10.11 -4.41
CA GLY B 91 -18.16 -10.68 -3.89
C GLY B 91 -19.52 -10.29 -4.41
N VAL B 92 -19.58 -9.37 -5.37
CA VAL B 92 -20.86 -8.94 -5.92
C VAL B 92 -20.83 -9.04 -7.44
N SER B 93 -21.86 -9.64 -8.02
CA SER B 93 -21.94 -9.81 -9.47
C SER B 93 -21.91 -8.44 -10.14
N LYS B 94 -21.42 -8.39 -11.38
CA LYS B 94 -21.37 -7.14 -12.11
C LYS B 94 -22.79 -6.62 -12.26
N GLY B 95 -22.99 -5.34 -11.96
CA GLY B 95 -24.30 -4.75 -12.06
C GLY B 95 -25.16 -5.14 -10.86
N GLY B 96 -24.61 -5.99 -10.00
CA GLY B 96 -25.32 -6.45 -8.82
C GLY B 96 -25.62 -5.37 -7.80
N LYS B 97 -26.62 -5.63 -6.96
CA LYS B 97 -27.03 -4.67 -5.95
C LYS B 97 -26.44 -4.89 -4.56
N VAL B 98 -26.09 -3.78 -3.92
CA VAL B 98 -25.52 -3.81 -2.58
C VAL B 98 -26.27 -2.84 -1.69
N LEU B 99 -26.71 -3.32 -0.52
CA LEU B 99 -27.42 -2.47 0.43
C LEU B 99 -26.33 -1.80 1.25
N VAL B 100 -26.10 -0.52 1.00
CA VAL B 100 -25.06 0.21 1.71
C VAL B 100 -25.66 1.01 2.86
N THR B 101 -25.30 0.66 4.09
CA THR B 101 -25.81 1.40 5.24
C THR B 101 -24.88 2.58 5.46
N ILE B 102 -25.47 3.77 5.61
CA ILE B 102 -24.68 4.97 5.78
C ILE B 102 -25.05 5.80 7.01
N ILE B 103 -24.07 6.05 7.86
CA ILE B 103 -24.29 6.85 9.05
C ILE B 103 -23.22 7.94 9.14
N GLY B 104 -22.43 8.05 8.08
CA GLY B 104 -21.38 9.04 8.05
C GLY B 104 -20.61 9.07 6.74
N ALA B 105 -19.52 9.83 6.72
CA ALA B 105 -18.69 9.98 5.53
C ALA B 105 -18.14 8.71 4.90
N PHE B 106 -17.72 7.76 5.73
CA PHE B 106 -17.16 6.53 5.18
C PHE B 106 -18.20 5.56 4.66
N GLY B 107 -19.45 5.76 5.05
CA GLY B 107 -20.49 4.90 4.53
C GLY B 107 -20.69 5.41 3.11
N LYS B 108 -20.57 6.72 2.95
CA LYS B 108 -20.71 7.36 1.65
C LYS B 108 -19.58 6.89 0.73
N ARG B 109 -18.39 6.72 1.29
CA ARG B 109 -17.28 6.24 0.47
C ARG B 109 -17.58 4.82 -0.04
N TYR B 110 -18.12 3.98 0.84
CA TYR B 110 -18.43 2.61 0.41
C TYR B 110 -19.40 2.66 -0.77
N LYS B 111 -20.36 3.58 -0.68
CA LYS B 111 -21.32 3.76 -1.75
C LYS B 111 -20.59 4.14 -3.04
N GLU B 112 -19.62 5.05 -2.92
CA GLU B 112 -18.84 5.48 -4.07
C GLU B 112 -18.04 4.32 -4.65
N VAL B 113 -17.48 3.49 -3.78
CA VAL B 113 -16.70 2.34 -4.21
C VAL B 113 -17.59 1.34 -4.94
N VAL B 114 -18.82 1.17 -4.43
CA VAL B 114 -19.75 0.24 -5.06
C VAL B 114 -20.10 0.68 -6.48
N GLU B 115 -20.49 1.93 -6.62
CA GLU B 115 -20.91 2.46 -7.92
C GLU B 115 -19.76 2.62 -8.93
N SER B 116 -18.59 3.06 -8.48
CA SER B 116 -17.48 3.24 -9.40
C SER B 116 -16.97 1.90 -9.95
N ASN B 117 -17.29 0.81 -9.25
CA ASN B 117 -16.87 -0.51 -9.71
C ASN B 117 -17.95 -1.26 -10.50
N GLY B 118 -18.96 -0.52 -10.94
CA GLY B 118 -20.01 -1.11 -11.74
C GLY B 118 -21.12 -1.87 -11.03
N ARG B 119 -21.28 -1.62 -9.74
CA ARG B 119 -22.34 -2.28 -8.99
C ARG B 119 -23.36 -1.21 -8.61
N LYS B 120 -24.55 -1.62 -8.19
CA LYS B 120 -25.60 -0.68 -7.81
C LYS B 120 -25.70 -0.58 -6.29
N ALA B 121 -25.88 0.63 -5.79
CA ALA B 121 -25.99 0.82 -4.36
C ALA B 121 -27.40 1.21 -3.91
N VAL B 122 -27.95 0.43 -2.99
CA VAL B 122 -29.26 0.71 -2.43
C VAL B 122 -28.89 1.24 -1.06
N VAL B 123 -29.27 2.49 -0.78
CA VAL B 123 -28.90 3.11 0.48
C VAL B 123 -29.91 3.15 1.63
N LEU B 124 -29.40 2.93 2.84
CA LEU B 124 -30.18 3.02 4.07
C LEU B 124 -29.32 4.02 4.82
N GLU B 125 -29.74 5.28 4.83
CA GLU B 125 -28.95 6.34 5.45
C GLU B 125 -29.58 7.05 6.64
N TYR B 126 -28.74 7.37 7.62
CA TYR B 126 -29.17 8.08 8.84
C TYR B 126 -28.41 9.38 8.94
N GLU B 127 -28.91 10.31 9.74
CA GLU B 127 -28.23 11.58 9.90
C GLU B 127 -27.02 11.34 10.80
N PRO B 128 -25.97 12.16 10.66
CA PRO B 128 -24.76 12.00 11.47
C PRO B 128 -25.08 11.93 12.96
N GLY B 129 -24.57 10.89 13.61
CA GLY B 129 -24.81 10.71 15.03
C GLY B 129 -25.65 9.49 15.34
N LYS B 130 -26.47 9.08 14.37
CA LYS B 130 -27.31 7.91 14.56
C LYS B 130 -26.61 6.62 14.13
N ALA B 131 -27.14 5.50 14.60
CA ALA B 131 -26.59 4.19 14.27
C ALA B 131 -27.68 3.39 13.54
N VAL B 132 -27.25 2.45 12.71
CA VAL B 132 -28.18 1.61 11.95
C VAL B 132 -29.00 0.74 12.90
N LYS B 133 -30.31 0.70 12.68
CA LYS B 133 -31.19 -0.10 13.52
C LYS B 133 -31.49 -1.44 12.86
N PRO B 134 -31.29 -2.54 13.59
CA PRO B 134 -31.54 -3.87 13.04
C PRO B 134 -32.92 -3.99 12.43
N GLU B 135 -33.89 -3.32 13.03
CA GLU B 135 -35.26 -3.34 12.55
C GLU B 135 -35.37 -2.64 11.19
N ASP B 136 -34.66 -1.53 11.03
CA ASP B 136 -34.68 -0.82 9.76
C ASP B 136 -34.00 -1.65 8.69
N LEU B 137 -32.91 -2.31 9.05
CA LEU B 137 -32.19 -3.15 8.09
C LEU B 137 -33.07 -4.30 7.63
N ASP B 138 -33.80 -4.90 8.57
CA ASP B 138 -34.68 -6.02 8.26
C ASP B 138 -35.73 -5.58 7.24
N ASP B 139 -36.33 -4.42 7.47
CA ASP B 139 -37.33 -3.89 6.57
C ASP B 139 -36.75 -3.57 5.19
N ALA B 140 -35.58 -2.95 5.19
CA ALA B 140 -34.93 -2.60 3.93
C ALA B 140 -34.63 -3.84 3.11
N LEU B 141 -34.17 -4.91 3.77
CA LEU B 141 -33.85 -6.14 3.06
C LEU B 141 -35.08 -6.85 2.52
N ARG B 142 -36.19 -6.76 3.25
CA ARG B 142 -37.43 -7.41 2.79
C ARG B 142 -37.90 -6.73 1.51
N LYS B 143 -37.69 -5.41 1.44
CA LYS B 143 -38.11 -4.62 0.28
C LYS B 143 -37.07 -4.59 -0.84
N ASN B 144 -35.91 -5.18 -0.60
CA ASN B 144 -34.84 -5.22 -1.59
C ASN B 144 -34.28 -6.64 -1.68
N PRO B 145 -35.11 -7.59 -2.13
CA PRO B 145 -34.75 -9.00 -2.27
C PRO B 145 -33.58 -9.31 -3.22
N ASP B 146 -33.33 -8.42 -4.17
CA ASP B 146 -32.25 -8.64 -5.14
C ASP B 146 -30.86 -8.27 -4.61
N VAL B 147 -30.83 -7.66 -3.44
CA VAL B 147 -29.55 -7.28 -2.82
C VAL B 147 -28.71 -8.52 -2.58
N GLU B 148 -27.42 -8.44 -2.89
CA GLU B 148 -26.51 -9.57 -2.71
C GLU B 148 -25.69 -9.45 -1.43
N ALA B 149 -25.42 -8.22 -1.01
CA ALA B 149 -24.64 -7.99 0.18
C ALA B 149 -25.05 -6.72 0.91
N VAL B 150 -24.69 -6.65 2.18
CA VAL B 150 -24.98 -5.50 3.02
C VAL B 150 -23.65 -4.98 3.57
N THR B 151 -23.43 -3.67 3.49
CA THR B 151 -22.19 -3.12 4.02
C THR B 151 -22.50 -2.41 5.32
N ILE B 152 -21.60 -2.54 6.27
CA ILE B 152 -21.76 -1.92 7.57
C ILE B 152 -20.47 -1.23 7.98
N THR B 153 -20.57 0.04 8.33
CA THR B 153 -19.42 0.77 8.80
C THR B 153 -19.47 0.49 10.30
N TYR B 154 -18.60 -0.39 10.77
CA TYR B 154 -18.59 -0.76 12.19
C TYR B 154 -18.42 0.47 13.07
N ASN B 155 -17.37 1.25 12.80
CA ASN B 155 -17.10 2.46 13.56
C ASN B 155 -17.00 3.64 12.60
N GLU B 156 -18.00 4.51 12.62
CA GLU B 156 -18.00 5.68 11.74
C GLU B 156 -17.15 6.77 12.37
N THR B 157 -15.96 6.94 11.81
CA THR B 157 -14.98 7.89 12.29
C THR B 157 -15.39 9.36 12.17
N SER B 158 -16.27 9.67 11.25
CA SER B 158 -16.70 11.05 11.08
C SER B 158 -17.73 11.48 12.11
N THR B 159 -18.30 10.52 12.82
CA THR B 159 -19.33 10.83 13.82
C THR B 159 -19.10 10.21 15.20
N GLY B 160 -18.08 9.36 15.32
CA GLY B 160 -17.82 8.71 16.59
C GLY B 160 -18.89 7.73 17.02
N VAL B 161 -19.54 7.09 16.05
CA VAL B 161 -20.59 6.13 16.34
C VAL B 161 -20.19 4.68 16.02
N LEU B 162 -20.51 3.78 16.94
CA LEU B 162 -20.22 2.36 16.77
C LEU B 162 -21.53 1.63 16.48
N ASN B 163 -21.66 1.07 15.28
CA ASN B 163 -22.86 0.32 14.91
C ASN B 163 -22.90 -1.03 15.63
N PRO B 164 -24.12 -1.51 15.96
CA PRO B 164 -24.30 -2.79 16.65
C PRO B 164 -24.08 -3.93 15.65
N LEU B 165 -22.83 -4.14 15.28
CA LEU B 165 -22.47 -5.16 14.31
C LEU B 165 -23.08 -6.55 14.47
N PRO B 166 -22.90 -7.17 15.66
CA PRO B 166 -23.46 -8.52 15.85
C PRO B 166 -24.94 -8.61 15.47
N GLU B 167 -25.73 -7.67 15.98
CA GLU B 167 -27.17 -7.65 15.72
C GLU B 167 -27.51 -7.36 14.26
N LEU B 168 -26.71 -6.53 13.62
CA LEU B 168 -26.93 -6.18 12.21
C LEU B 168 -26.56 -7.35 11.31
N ALA B 169 -25.42 -7.97 11.60
CA ALA B 169 -24.96 -9.11 10.82
C ALA B 169 -26.00 -10.22 10.93
N LYS B 170 -26.59 -10.31 12.12
CA LYS B 170 -27.62 -11.31 12.38
C LYS B 170 -28.77 -11.15 11.39
N VAL B 171 -29.29 -9.93 11.29
CA VAL B 171 -30.40 -9.66 10.37
C VAL B 171 -30.02 -9.96 8.93
N ALA B 172 -28.83 -9.54 8.53
CA ALA B 172 -28.38 -9.78 7.16
C ALA B 172 -28.37 -11.26 6.85
N LYS B 173 -27.86 -12.07 7.77
CA LYS B 173 -27.80 -13.51 7.56
C LYS B 173 -29.20 -14.13 7.51
N GLU B 174 -30.15 -13.53 8.21
CA GLU B 174 -31.52 -14.03 8.22
C GLU B 174 -32.10 -13.90 6.80
N HIS B 175 -31.60 -12.92 6.06
CA HIS B 175 -32.05 -12.68 4.70
C HIS B 175 -31.08 -13.32 3.70
N ASP B 176 -30.14 -14.10 4.24
CA ASP B 176 -29.15 -14.81 3.44
C ASP B 176 -28.32 -13.87 2.56
N LYS B 177 -27.84 -12.78 3.14
CA LYS B 177 -27.03 -11.82 2.39
C LYS B 177 -25.59 -11.85 2.90
N LEU B 178 -24.66 -11.45 2.04
CA LEU B 178 -23.25 -11.38 2.42
C LEU B 178 -23.13 -10.16 3.32
N VAL B 179 -22.26 -10.25 4.31
CA VAL B 179 -22.04 -9.15 5.25
C VAL B 179 -20.63 -8.57 5.11
N PHE B 180 -20.53 -7.35 4.57
CA PHE B 180 -19.25 -6.68 4.40
C PHE B 180 -19.10 -5.64 5.50
N VAL B 181 -17.97 -5.68 6.20
CA VAL B 181 -17.76 -4.75 7.30
C VAL B 181 -16.52 -3.87 7.18
N ASP B 182 -16.74 -2.56 7.20
CA ASP B 182 -15.67 -1.59 7.17
C ASP B 182 -15.31 -1.42 8.64
N ALA B 183 -14.16 -1.97 9.04
CA ALA B 183 -13.71 -1.86 10.43
C ALA B 183 -12.39 -1.13 10.53
N VAL B 184 -12.15 -0.19 9.62
CA VAL B 184 -10.90 0.55 9.63
C VAL B 184 -10.59 1.26 10.94
N SER B 185 -11.58 1.93 11.53
CA SER B 185 -11.36 2.61 12.81
C SER B 185 -11.98 1.83 13.96
N ALA B 186 -12.25 0.55 13.71
CA ALA B 186 -12.85 -0.31 14.74
C ALA B 186 -11.93 -1.46 15.17
N MET B 187 -11.35 -2.17 14.19
CA MET B 187 -10.46 -3.28 14.49
C MET B 187 -9.35 -2.84 15.43
N GLY B 188 -9.20 -3.59 16.52
CA GLY B 188 -8.19 -3.26 17.50
C GLY B 188 -8.70 -2.32 18.57
N GLY B 189 -9.89 -1.78 18.36
CA GLY B 189 -10.49 -0.85 19.32
C GLY B 189 -11.84 -1.31 19.81
N ALA B 190 -12.53 -2.08 18.98
CA ALA B 190 -13.84 -2.62 19.31
C ALA B 190 -13.72 -4.11 18.97
N ASP B 191 -14.36 -4.95 19.76
CA ASP B 191 -14.26 -6.39 19.52
C ASP B 191 -14.82 -6.84 18.18
N ILE B 192 -14.23 -7.92 17.68
CA ILE B 192 -14.66 -8.54 16.43
C ILE B 192 -14.49 -10.05 16.58
N LYS B 193 -15.57 -10.78 16.35
CA LYS B 193 -15.55 -12.24 16.42
C LYS B 193 -16.04 -12.65 15.04
N PHE B 194 -15.09 -12.72 14.10
CA PHE B 194 -15.39 -13.03 12.71
C PHE B 194 -16.27 -14.23 12.45
N ASP B 195 -15.81 -15.42 12.84
CA ASP B 195 -16.57 -16.64 12.63
C ASP B 195 -17.91 -16.63 13.34
N LYS B 196 -17.88 -16.31 14.64
CA LYS B 196 -19.06 -16.28 15.47
C LYS B 196 -20.17 -15.36 14.96
N TRP B 197 -19.82 -14.17 14.49
CA TRP B 197 -20.82 -13.23 14.01
C TRP B 197 -21.26 -13.42 12.56
N GLY B 198 -20.69 -14.41 11.89
CA GLY B 198 -21.06 -14.71 10.51
C GLY B 198 -20.68 -13.67 9.47
N LEU B 199 -19.62 -12.91 9.75
CA LEU B 199 -19.17 -11.88 8.81
C LEU B 199 -18.54 -12.54 7.59
N ASP B 200 -18.65 -11.89 6.44
CA ASP B 200 -18.07 -12.44 5.22
C ASP B 200 -16.82 -11.69 4.80
N VAL B 201 -16.78 -10.41 5.13
CA VAL B 201 -15.62 -9.58 4.85
C VAL B 201 -15.51 -8.53 5.93
N VAL B 202 -14.30 -8.38 6.48
CA VAL B 202 -14.06 -7.34 7.46
C VAL B 202 -12.67 -6.83 7.11
N PHE B 203 -12.50 -5.52 7.12
CA PHE B 203 -11.20 -4.96 6.80
C PHE B 203 -10.85 -3.76 7.67
N SER B 204 -9.55 -3.55 7.83
CA SER B 204 -9.06 -2.43 8.61
C SER B 204 -7.74 -1.96 8.03
N SER B 205 -7.17 -0.96 8.68
CA SER B 205 -5.91 -0.37 8.26
C SER B 205 -4.95 -0.40 9.43
N SER B 206 -3.68 -0.15 9.14
CA SER B 206 -2.68 -0.17 10.20
C SER B 206 -2.65 1.11 11.05
N GLN B 207 -3.05 2.24 10.47
CA GLN B 207 -2.95 3.53 11.16
C GLN B 207 -4.07 4.01 12.08
N LYS B 208 -4.96 3.13 12.51
CA LYS B 208 -6.02 3.54 13.43
C LYS B 208 -5.80 2.92 14.82
N ALA B 209 -6.72 2.10 15.30
CA ALA B 209 -6.58 1.50 16.63
C ALA B 209 -5.28 0.74 16.91
N PHE B 210 -4.66 0.17 15.88
CA PHE B 210 -3.42 -0.59 16.07
C PHE B 210 -2.18 0.28 16.30
N GLY B 211 -2.30 1.58 16.02
CA GLY B 211 -1.17 2.48 16.22
C GLY B 211 0.09 2.19 15.42
N VAL B 212 -0.07 1.90 14.14
CA VAL B 212 1.06 1.61 13.26
C VAL B 212 0.98 2.59 12.09
N PRO B 213 2.13 2.97 11.51
CA PRO B 213 2.02 3.91 10.39
C PRO B 213 1.14 3.35 9.26
N PRO B 214 0.51 4.25 8.48
CA PRO B 214 -0.34 3.82 7.37
C PRO B 214 0.46 3.15 6.26
N GLY B 215 -0.21 2.33 5.46
CA GLY B 215 0.47 1.65 4.37
C GLY B 215 0.07 0.18 4.23
N LEU B 216 -0.62 -0.34 5.24
CA LEU B 216 -1.02 -1.74 5.25
C LEU B 216 -2.51 -1.92 5.53
N ALA B 217 -3.11 -2.92 4.90
CA ALA B 217 -4.53 -3.22 5.10
C ALA B 217 -4.65 -4.64 5.61
N ILE B 218 -5.66 -4.86 6.45
CA ILE B 218 -5.92 -6.18 7.03
C ILE B 218 -7.32 -6.59 6.64
N GLY B 219 -7.46 -7.85 6.23
CA GLY B 219 -8.78 -8.34 5.86
C GLY B 219 -9.03 -9.76 6.32
N ALA B 220 -10.28 -10.07 6.59
CA ALA B 220 -10.69 -11.41 6.99
C ALA B 220 -11.84 -11.73 6.05
N PHE B 221 -11.83 -12.94 5.50
CA PHE B 221 -12.85 -13.38 4.55
C PHE B 221 -13.39 -14.76 4.87
N SER B 222 -14.69 -14.95 4.70
CA SER B 222 -15.33 -16.24 4.98
C SER B 222 -15.24 -17.22 3.83
N GLU B 223 -15.57 -18.48 4.12
CA GLU B 223 -15.55 -19.53 3.12
C GLU B 223 -16.56 -19.19 2.02
N ARG B 224 -17.71 -18.68 2.44
CA ARG B 224 -18.77 -18.33 1.50
C ARG B 224 -18.30 -17.25 0.52
N PHE B 225 -17.61 -16.25 1.03
CA PHE B 225 -17.11 -15.17 0.20
C PHE B 225 -16.07 -15.69 -0.79
N LEU B 226 -15.12 -16.49 -0.30
CA LEU B 226 -14.08 -17.03 -1.17
C LEU B 226 -14.62 -17.92 -2.28
N GLU B 227 -15.68 -18.67 -1.97
CA GLU B 227 -16.31 -19.56 -2.94
C GLU B 227 -16.85 -18.72 -4.11
N ILE B 228 -17.45 -17.60 -3.77
CA ILE B 228 -18.02 -16.68 -4.75
C ILE B 228 -16.89 -15.98 -5.53
N ALA B 229 -15.90 -15.49 -4.80
CA ALA B 229 -14.78 -14.79 -5.41
C ALA B 229 -14.04 -15.62 -6.46
N GLU B 230 -13.84 -16.90 -6.16
CA GLU B 230 -13.14 -17.80 -7.06
C GLU B 230 -13.80 -17.92 -8.42
N LYS B 231 -15.12 -17.77 -8.46
CA LYS B 231 -15.87 -17.87 -9.71
C LYS B 231 -16.26 -16.50 -10.27
N MET B 232 -15.92 -15.43 -9.56
CA MET B 232 -16.26 -14.08 -10.01
C MET B 232 -15.38 -13.61 -11.16
N PRO B 233 -15.98 -13.40 -12.35
CA PRO B 233 -15.25 -12.95 -13.54
C PRO B 233 -14.70 -11.53 -13.42
N GLU B 234 -13.60 -11.30 -14.13
CA GLU B 234 -12.88 -10.03 -14.18
C GLU B 234 -12.79 -9.23 -12.88
N ARG B 235 -12.27 -9.87 -11.85
CA ARG B 235 -12.09 -9.20 -10.56
C ARG B 235 -10.71 -8.58 -10.46
N GLY B 236 -9.95 -8.63 -11.54
CA GLY B 236 -8.62 -8.04 -11.53
C GLY B 236 -7.53 -8.93 -10.97
N TRP B 237 -6.41 -8.30 -10.63
CA TRP B 237 -5.24 -9.00 -10.11
C TRP B 237 -4.82 -8.45 -8.75
N TYR B 238 -4.69 -7.14 -8.65
CA TYR B 238 -4.23 -6.51 -7.41
C TYR B 238 -5.11 -6.79 -6.20
N PHE B 239 -6.41 -6.94 -6.42
CA PHE B 239 -7.33 -7.23 -5.33
C PHE B 239 -8.06 -8.56 -5.52
N ASP B 240 -7.41 -9.48 -6.23
CA ASP B 240 -7.95 -10.82 -6.47
C ASP B 240 -7.73 -11.57 -5.16
N ILE B 241 -8.77 -11.65 -4.33
CA ILE B 241 -8.64 -12.28 -3.03
C ILE B 241 -8.19 -13.75 -3.09
N PRO B 242 -8.81 -14.55 -3.98
CA PRO B 242 -8.37 -15.95 -4.05
C PRO B 242 -6.87 -16.07 -4.37
N LEU B 243 -6.35 -15.11 -5.14
CA LEU B 243 -4.92 -15.12 -5.48
C LEU B 243 -4.10 -14.85 -4.23
N TYR B 244 -4.57 -13.95 -3.38
CA TYR B 244 -3.87 -13.65 -2.14
C TYR B 244 -3.88 -14.88 -1.23
N VAL B 245 -5.00 -15.59 -1.19
CA VAL B 245 -5.11 -16.78 -0.35
C VAL B 245 -4.14 -17.84 -0.84
N LYS B 246 -4.01 -17.96 -2.15
CA LYS B 246 -3.11 -18.93 -2.76
C LYS B 246 -1.65 -18.58 -2.46
N TYR B 247 -1.29 -17.31 -2.58
CA TYR B 247 0.09 -16.89 -2.29
C TYR B 247 0.40 -17.07 -0.80
N LEU B 248 -0.58 -16.79 0.06
CA LEU B 248 -0.35 -16.93 1.49
C LEU B 248 -0.07 -18.40 1.82
N LYS B 249 -0.87 -19.28 1.24
CA LYS B 249 -0.76 -20.72 1.44
C LYS B 249 0.55 -21.29 0.88
N GLU B 250 0.89 -20.91 -0.34
CA GLU B 250 2.07 -21.43 -1.00
C GLU B 250 3.39 -20.67 -0.77
N LYS B 251 3.31 -19.35 -0.76
CA LYS B 251 4.50 -18.51 -0.59
C LYS B 251 4.59 -17.79 0.74
N GLU B 252 3.57 -17.94 1.58
CA GLU B 252 3.56 -17.31 2.89
C GLU B 252 3.88 -15.83 2.78
N SER B 253 3.32 -15.21 1.75
CA SER B 253 3.55 -13.80 1.49
C SER B 253 2.43 -13.31 0.58
N THR B 254 2.64 -12.16 -0.03
CA THR B 254 1.63 -11.57 -0.92
C THR B 254 2.02 -11.77 -2.38
N PRO B 255 1.05 -11.58 -3.31
CA PRO B 255 1.30 -11.72 -4.75
C PRO B 255 2.36 -10.71 -5.19
N SER B 256 2.22 -9.47 -4.73
CA SER B 256 3.20 -8.44 -5.04
C SER B 256 3.94 -8.14 -3.72
N THR B 257 4.78 -7.13 -3.71
CA THR B 257 5.56 -6.80 -2.51
C THR B 257 4.75 -6.16 -1.38
N PRO B 258 4.81 -6.72 -0.17
CA PRO B 258 4.06 -6.18 0.96
C PRO B 258 4.79 -5.02 1.64
N PRO B 259 4.06 -4.17 2.40
CA PRO B 259 4.67 -3.03 3.10
C PRO B 259 5.34 -3.58 4.37
N MET B 260 6.48 -4.21 4.17
CA MET B 260 7.21 -4.85 5.26
C MET B 260 7.36 -4.11 6.58
N PRO B 261 7.75 -2.82 6.56
CA PRO B 261 7.89 -2.14 7.85
C PRO B 261 6.58 -2.16 8.64
N GLN B 262 5.48 -1.85 7.96
CA GLN B 262 4.17 -1.84 8.61
C GLN B 262 3.77 -3.22 9.09
N VAL B 263 4.19 -4.26 8.38
CA VAL B 263 3.88 -5.62 8.81
C VAL B 263 4.61 -5.87 10.13
N PHE B 264 5.88 -5.47 10.17
CA PHE B 264 6.68 -5.64 11.39
C PHE B 264 6.01 -4.86 12.52
N GLY B 265 5.54 -3.65 12.18
CA GLY B 265 4.88 -2.81 13.15
C GLY B 265 3.64 -3.43 13.74
N ILE B 266 2.81 -4.03 12.88
CA ILE B 266 1.59 -4.68 13.34
C ILE B 266 1.93 -5.87 14.23
N ASN B 267 3.02 -6.56 13.90
CA ASN B 267 3.42 -7.71 14.71
C ASN B 267 3.79 -7.21 16.12
N VAL B 268 4.58 -6.13 16.19
CA VAL B 268 4.97 -5.56 17.47
C VAL B 268 3.71 -5.15 18.25
N ALA B 269 2.78 -4.50 17.56
CA ALA B 269 1.53 -4.06 18.19
C ALA B 269 0.74 -5.21 18.77
N LEU B 270 0.69 -6.33 18.06
CA LEU B 270 -0.04 -7.50 18.54
C LEU B 270 0.64 -8.12 19.76
N ARG B 271 1.97 -8.04 19.82
CA ARG B 271 2.70 -8.58 20.96
C ARG B 271 2.48 -7.67 22.17
N ILE B 272 2.36 -6.38 21.93
CA ILE B 272 2.11 -5.44 23.00
C ILE B 272 0.75 -5.78 23.62
N ILE B 273 -0.24 -6.05 22.75
CA ILE B 273 -1.57 -6.40 23.22
C ILE B 273 -1.48 -7.64 24.11
N GLU B 274 -0.71 -8.62 23.65
CA GLU B 274 -0.52 -9.86 24.39
C GLU B 274 0.13 -9.60 25.76
N LYS B 275 1.18 -8.78 25.76
CA LYS B 275 1.90 -8.48 26.99
C LYS B 275 1.09 -7.68 28.01
N MET B 276 0.03 -7.03 27.56
CA MET B 276 -0.81 -6.26 28.46
C MET B 276 -1.95 -7.09 29.03
N GLY B 277 -2.03 -8.35 28.63
CA GLY B 277 -3.08 -9.22 29.13
C GLY B 277 -3.99 -9.82 28.10
N GLY B 278 -3.85 -9.42 26.84
CA GLY B 278 -4.70 -9.99 25.80
C GLY B 278 -5.71 -9.01 25.25
N LYS B 279 -6.54 -9.48 24.32
CA LYS B 279 -7.55 -8.64 23.69
C LYS B 279 -8.54 -8.00 24.66
N GLU B 280 -9.11 -8.81 25.55
CA GLU B 280 -10.06 -8.32 26.52
C GLU B 280 -9.54 -7.09 27.28
N LYS B 281 -8.34 -7.21 27.84
CA LYS B 281 -7.76 -6.09 28.59
C LYS B 281 -7.44 -4.91 27.70
N TRP B 282 -7.07 -5.18 26.45
CA TRP B 282 -6.75 -4.13 25.51
C TRP B 282 -8.00 -3.34 25.17
N LEU B 283 -9.08 -4.05 24.88
CA LEU B 283 -10.35 -3.41 24.53
C LEU B 283 -10.90 -2.62 25.73
N GLU B 284 -10.71 -3.15 26.93
CA GLU B 284 -11.18 -2.46 28.13
C GLU B 284 -10.37 -1.17 28.29
N MET B 285 -9.10 -1.22 27.89
CA MET B 285 -8.24 -0.04 27.97
C MET B 285 -8.81 1.03 27.03
N TYR B 286 -9.26 0.60 25.85
CA TYR B 286 -9.83 1.52 24.88
C TYR B 286 -11.13 2.13 25.38
N GLU B 287 -11.99 1.31 25.99
CA GLU B 287 -13.25 1.81 26.50
C GLU B 287 -12.99 2.81 27.63
N LYS B 288 -12.01 2.52 28.45
CA LYS B 288 -11.65 3.38 29.58
C LYS B 288 -11.21 4.74 29.07
N ARG B 289 -10.41 4.72 28.01
CA ARG B 289 -9.90 5.94 27.40
C ARG B 289 -11.05 6.75 26.80
N ALA B 290 -11.95 6.09 26.09
CA ALA B 290 -13.09 6.75 25.46
C ALA B 290 -14.01 7.36 26.51
N LYS B 291 -14.32 6.58 27.54
CA LYS B 291 -15.20 7.04 28.60
C LYS B 291 -14.59 8.28 29.26
N MET B 292 -13.28 8.30 29.41
CA MET B 292 -12.59 9.43 30.01
C MET B 292 -12.73 10.69 29.16
N VAL B 293 -12.64 10.53 27.85
CA VAL B 293 -12.77 11.68 26.95
C VAL B 293 -14.21 12.19 26.94
N ARG B 294 -15.17 11.28 26.90
CA ARG B 294 -16.57 11.67 26.86
C ARG B 294 -16.99 12.44 28.12
N GLU B 295 -16.59 11.95 29.28
CA GLU B 295 -16.94 12.61 30.54
C GLU B 295 -16.17 13.92 30.63
N GLY B 296 -14.94 13.92 30.12
CA GLY B 296 -14.12 15.11 30.15
C GLY B 296 -14.70 16.27 29.37
N VAL B 297 -15.24 16.01 28.19
CA VAL B 297 -15.83 17.07 27.38
C VAL B 297 -17.19 17.47 27.93
N ARG B 298 -17.91 16.50 28.47
CA ARG B 298 -19.23 16.77 29.04
C ARG B 298 -19.10 17.58 30.32
N GLU B 299 -17.95 17.46 30.97
CA GLU B 299 -17.71 18.21 32.20
C GLU B 299 -17.40 19.66 31.86
N ILE B 300 -16.89 19.87 30.66
CA ILE B 300 -16.55 21.21 30.19
C ILE B 300 -17.85 21.89 29.72
N GLY B 301 -18.93 21.12 29.71
CA GLY B 301 -20.22 21.66 29.29
C GLY B 301 -20.54 21.38 27.84
N LEU B 302 -19.84 20.42 27.24
CA LEU B 302 -20.06 20.07 25.85
C LEU B 302 -20.74 18.71 25.74
N ASP B 303 -21.36 18.45 24.60
CA ASP B 303 -22.02 17.18 24.36
C ASP B 303 -21.41 16.54 23.14
N ILE B 304 -21.64 15.25 22.95
CA ILE B 304 -21.10 14.54 21.81
C ILE B 304 -22.20 14.27 20.80
N LEU B 305 -21.80 13.86 19.59
CA LEU B 305 -22.73 13.61 18.51
C LEU B 305 -23.37 12.22 18.53
N ALA B 306 -22.60 11.21 18.93
CA ALA B 306 -23.09 9.84 18.97
C ALA B 306 -24.35 9.68 19.81
N GLU B 307 -25.31 8.90 19.32
CA GLU B 307 -26.54 8.67 20.07
C GLU B 307 -26.26 7.69 21.21
N PRO B 308 -27.05 7.77 22.29
CA PRO B 308 -26.92 6.90 23.47
C PRO B 308 -26.69 5.42 23.19
N GLY B 309 -25.66 4.88 23.85
CA GLY B 309 -25.34 3.47 23.72
C GLY B 309 -24.54 3.07 22.49
N HIS B 310 -24.24 4.03 21.63
CA HIS B 310 -23.49 3.74 20.40
C HIS B 310 -22.24 4.60 20.29
N GLU B 311 -21.66 4.95 21.43
CA GLU B 311 -20.46 5.78 21.48
C GLU B 311 -19.23 4.98 21.04
N SER B 312 -18.40 5.60 20.20
CA SER B 312 -17.19 4.95 19.69
C SER B 312 -16.06 4.90 20.70
N PRO B 313 -15.38 3.75 20.82
CA PRO B 313 -14.28 3.67 21.78
C PRO B 313 -12.97 4.19 21.17
N THR B 314 -13.00 4.57 19.89
CA THR B 314 -11.79 5.06 19.24
C THR B 314 -11.77 6.55 18.91
N ILE B 315 -12.92 7.18 18.79
CA ILE B 315 -12.96 8.60 18.50
C ILE B 315 -14.28 9.22 18.92
N THR B 316 -14.23 10.48 19.31
CA THR B 316 -15.43 11.18 19.77
C THR B 316 -15.65 12.47 18.98
N ALA B 317 -16.88 12.66 18.51
CA ALA B 317 -17.23 13.87 17.76
C ALA B 317 -17.85 14.83 18.79
N VAL B 318 -17.18 15.92 19.06
CA VAL B 318 -17.66 16.88 20.05
C VAL B 318 -18.35 18.10 19.44
N LEU B 319 -19.56 18.37 19.90
CA LEU B 319 -20.33 19.51 19.41
C LEU B 319 -19.80 20.78 20.06
N THR B 320 -19.44 21.75 19.23
CA THR B 320 -18.92 23.03 19.73
C THR B 320 -20.07 23.93 20.19
N PRO B 321 -19.76 24.89 21.07
CA PRO B 321 -20.79 25.81 21.57
C PRO B 321 -21.30 26.69 20.43
N PRO B 322 -22.58 27.10 20.49
CA PRO B 322 -23.12 27.95 19.42
C PRO B 322 -22.21 29.15 19.16
N GLY B 323 -21.94 29.42 17.89
CA GLY B 323 -21.08 30.55 17.55
C GLY B 323 -19.62 30.19 17.38
N ILE B 324 -19.27 28.93 17.67
CA ILE B 324 -17.90 28.48 17.53
C ILE B 324 -17.81 27.32 16.53
N LYS B 325 -16.85 27.41 15.62
CA LYS B 325 -16.62 26.39 14.60
C LYS B 325 -15.64 25.34 15.07
N GLY B 326 -15.76 24.12 14.54
CA GLY B 326 -14.84 23.06 14.91
C GLY B 326 -13.42 23.42 14.54
N ASP B 327 -13.26 23.99 13.35
CA ASP B 327 -11.94 24.38 12.86
C ASP B 327 -11.22 25.33 13.80
N GLU B 328 -11.97 26.20 14.46
CA GLU B 328 -11.39 27.16 15.39
C GLU B 328 -10.78 26.46 16.61
N VAL B 329 -11.45 25.43 17.10
CA VAL B 329 -10.95 24.67 18.25
C VAL B 329 -9.71 23.89 17.82
N TYR B 330 -9.75 23.33 16.62
CA TYR B 330 -8.64 22.57 16.06
C TYR B 330 -7.39 23.44 15.97
N GLU B 331 -7.52 24.62 15.37
CA GLU B 331 -6.39 25.52 15.22
C GLU B 331 -5.94 26.08 16.56
N ALA B 332 -6.89 26.30 17.46
CA ALA B 332 -6.59 26.83 18.78
C ALA B 332 -5.75 25.83 19.57
N MET B 333 -6.16 24.56 19.53
CA MET B 333 -5.43 23.51 20.23
C MET B 333 -4.04 23.31 19.63
N ARG B 334 -3.92 23.45 18.31
CA ARG B 334 -2.64 23.30 17.63
C ARG B 334 -1.62 24.29 18.15
N LYS B 335 -2.08 25.50 18.46
CA LYS B 335 -1.19 26.54 18.97
C LYS B 335 -0.77 26.20 20.39
N ARG B 336 -1.49 25.28 21.01
CA ARG B 336 -1.20 24.85 22.38
C ARG B 336 -0.33 23.59 22.35
N GLY B 337 -0.07 23.08 21.15
CA GLY B 337 0.76 21.89 21.02
C GLY B 337 -0.03 20.60 20.98
N PHE B 338 -1.34 20.71 20.77
CA PHE B 338 -2.19 19.54 20.71
C PHE B 338 -2.87 19.42 19.34
N GLU B 339 -2.78 18.24 18.75
CA GLU B 339 -3.38 17.98 17.45
C GLU B 339 -4.61 17.09 17.57
N LEU B 340 -5.78 17.68 17.41
CA LEU B 340 -7.01 16.92 17.47
C LEU B 340 -7.38 16.62 16.01
N ALA B 341 -8.66 16.67 15.69
CA ALA B 341 -9.11 16.43 14.33
C ALA B 341 -10.26 17.35 13.98
N LYS B 342 -10.26 17.88 12.76
CA LYS B 342 -11.33 18.77 12.32
C LYS B 342 -12.59 17.94 12.16
N GLY B 343 -13.74 18.60 12.18
CA GLY B 343 -14.99 17.89 12.00
C GLY B 343 -14.90 17.27 10.61
N TYR B 344 -15.67 16.22 10.34
CA TYR B 344 -15.62 15.56 9.04
C TYR B 344 -17.02 15.33 8.49
N GLY B 345 -17.15 15.50 7.17
CA GLY B 345 -18.45 15.29 6.55
C GLY B 345 -19.33 16.53 6.57
N SER B 346 -20.63 16.32 6.76
CA SER B 346 -21.60 17.41 6.80
C SER B 346 -21.71 18.10 8.16
N VAL B 347 -20.90 17.69 9.12
CA VAL B 347 -20.93 18.30 10.45
C VAL B 347 -19.58 18.89 10.81
N LYS B 348 -18.77 19.19 9.80
CA LYS B 348 -17.44 19.73 10.04
C LYS B 348 -17.42 21.14 10.63
N GLU B 349 -18.58 21.78 10.71
CA GLU B 349 -18.66 23.11 11.29
C GLU B 349 -19.17 23.07 12.73
N LYS B 350 -20.14 22.21 12.97
CA LYS B 350 -20.72 22.07 14.30
C LYS B 350 -19.92 21.19 15.26
N THR B 351 -18.92 20.47 14.74
CA THR B 351 -18.12 19.61 15.60
C THR B 351 -16.65 19.54 15.24
N PHE B 352 -15.86 19.07 16.21
CA PHE B 352 -14.45 18.83 16.03
C PHE B 352 -14.30 17.43 16.61
N ARG B 353 -13.19 16.77 16.38
CA ARG B 353 -13.05 15.42 16.89
C ARG B 353 -11.84 15.17 17.77
N ILE B 354 -11.99 14.24 18.69
CA ILE B 354 -10.93 13.86 19.60
C ILE B 354 -10.73 12.35 19.44
N GLY B 355 -9.61 11.95 18.86
CA GLY B 355 -9.35 10.54 18.69
C GLY B 355 -8.67 10.02 19.94
N HIS B 356 -8.91 8.76 20.29
CA HIS B 356 -8.27 8.17 21.46
C HIS B 356 -7.63 6.85 21.07
N MET B 357 -6.85 6.88 19.99
CA MET B 357 -6.19 5.69 19.46
C MET B 357 -4.68 5.77 19.58
N GLY B 358 -4.05 4.61 19.53
CA GLY B 358 -2.61 4.52 19.59
C GLY B 358 -1.96 4.79 20.93
N TYR B 359 -0.80 5.41 20.88
CA TYR B 359 -0.06 5.71 22.10
C TYR B 359 -0.55 6.98 22.78
N MET B 360 -1.08 6.81 23.99
CA MET B 360 -1.55 7.93 24.79
C MET B 360 -1.92 7.43 26.18
N LYS B 361 -1.28 8.01 27.18
CA LYS B 361 -1.51 7.64 28.57
C LYS B 361 -2.71 8.44 29.07
N PHE B 362 -3.40 7.92 30.08
CA PHE B 362 -4.55 8.61 30.64
C PHE B 362 -4.18 10.02 31.07
N GLU B 363 -2.92 10.20 31.46
CA GLU B 363 -2.43 11.51 31.90
C GLU B 363 -2.34 12.48 30.73
N ASP B 364 -1.98 11.98 29.56
CA ASP B 364 -1.88 12.82 28.37
C ASP B 364 -3.27 13.32 28.04
N ILE B 365 -4.26 12.45 28.19
CA ILE B 365 -5.65 12.79 27.92
C ILE B 365 -6.10 13.88 28.87
N GLN B 366 -5.73 13.73 30.14
CA GLN B 366 -6.11 14.72 31.14
C GLN B 366 -5.52 16.07 30.79
N GLU B 367 -4.23 16.08 30.42
CA GLU B 367 -3.56 17.33 30.05
C GLU B 367 -4.23 17.94 28.83
N MET B 368 -4.69 17.08 27.92
CA MET B 368 -5.36 17.55 26.71
C MET B 368 -6.70 18.16 27.08
N LEU B 369 -7.41 17.52 28.00
CA LEU B 369 -8.71 18.00 28.44
C LEU B 369 -8.61 19.34 29.16
N ASP B 370 -7.55 19.53 29.95
CA ASP B 370 -7.37 20.78 30.67
C ASP B 370 -7.13 21.93 29.70
N ASN B 371 -6.35 21.66 28.66
CA ASN B 371 -6.06 22.68 27.65
C ASN B 371 -7.29 22.96 26.79
N LEU B 372 -8.13 21.93 26.60
CA LEU B 372 -9.35 22.08 25.82
C LEU B 372 -10.31 23.01 26.56
N ARG B 373 -10.32 22.89 27.88
CA ARG B 373 -11.19 23.73 28.71
C ARG B 373 -10.81 25.20 28.55
N GLU B 374 -9.52 25.50 28.67
CA GLU B 374 -9.05 26.88 28.54
C GLU B 374 -9.25 27.39 27.12
N VAL B 375 -9.13 26.49 26.15
CA VAL B 375 -9.31 26.86 24.74
C VAL B 375 -10.75 27.27 24.47
N ILE B 376 -11.70 26.51 25.01
CA ILE B 376 -13.11 26.81 24.83
C ILE B 376 -13.47 28.14 25.47
N ASN B 377 -12.96 28.38 26.67
CA ASN B 377 -13.25 29.62 27.37
C ASN B 377 -12.59 30.79 26.65
N GLU B 378 -11.36 30.58 26.17
CA GLU B 378 -10.63 31.61 25.46
C GLU B 378 -11.38 31.98 24.18
N LEU B 379 -11.91 30.98 23.49
CA LEU B 379 -12.65 31.21 22.26
C LEU B 379 -13.95 31.96 22.56
N LYS B 380 -14.66 31.54 23.59
CA LYS B 380 -15.91 32.19 23.97
C LYS B 380 -15.64 33.64 24.32
N LYS B 381 -14.62 33.85 25.17
CA LYS B 381 -14.23 35.17 25.61
C LYS B 381 -13.97 36.12 24.44
N GLN B 382 -13.18 35.67 23.47
CA GLN B 382 -12.85 36.49 22.31
C GLN B 382 -14.05 36.68 21.38
N LYS B 383 -15.08 35.86 21.54
CA LYS B 383 -16.27 35.98 20.71
C LYS B 383 -17.41 36.70 21.41
N GLY B 384 -17.17 37.12 22.66
CA GLY B 384 -18.19 37.83 23.40
C GLY B 384 -19.22 36.90 24.02
N ILE B 385 -18.86 35.63 24.17
CA ILE B 385 -19.77 34.66 24.75
C ILE B 385 -19.39 34.45 26.22
#